data_6J0W
#
_entry.id   6J0W
#
_cell.length_a   71.777
_cell.length_b   101.418
_cell.length_c   86.559
_cell.angle_alpha   90.000
_cell.angle_beta   108.570
_cell.angle_gamma   90.000
#
_symmetry.space_group_name_H-M   'P 1 21 1'
#
loop_
_entity.id
_entity.type
_entity.pdbx_description
1 polymer 'Regulator of Ty1 transposition protein 107'
2 polymer 'Peptide from DNA repair protein KRE29'
3 water water
#
loop_
_entity_poly.entity_id
_entity_poly.type
_entity_poly.pdbx_seq_one_letter_code
_entity_poly.pdbx_strand_id
1 'polypeptide(L)'
;MSTSLLFEQLNFLILVAAEAELPIAHSTRKLLMDNSCNNCQIYELYNENLKDVKTDKDWFMNKFGPQTVHFVISNTINFP
FYKIVYFDLLIPVVSHTWVQDSVKTKRHLRTNMYSPNPFHLLRDCQVYISKSSFNKCEYILYSDLLHLLGGTLVNYISNR
TTHVIVQSPQDPIIATVSKLTFGSFSSSSTNKHTEKPLREWKFVYPIWILYHFKMAKPLKGELATLCELDMQDTSEEQLF
AKWEEVIGDKQTSSSQLTLHPNKTLFKNHHFAISPDLNFFTPLYWFLKGFIEDLDGKVTPLSFSDDLKSVYQAFPDIDCY
IGHSANSPILEKTKSIKPEIHVGNVSWLFYMFALQKFTPVSQCKLIHQPFHAKLFTSKELTVAYTNYFGSQRFYIQRLVE
ILGGLSTPELTRKNTHLITKSTIGKKFKVAKKWSLDPQNAIIVTNHMWLEQCYMNNSKLNPKDSRFQNFKLDDNMGWNIG
QIGMDHSSLPTPKNLSMVTYDTQSISEKPPPTN
;
A,B
2 'polypeptide(L)' ETVPDSQISGFDSPLIPTSVGSYFRDDDD C,D
#
# COMPACT_ATOMS: atom_id res chain seq x y z
N SER A 2 6.44 9.28 30.62
CA SER A 2 7.88 9.23 30.84
C SER A 2 8.59 10.28 29.99
N THR A 3 9.89 10.47 30.22
CA THR A 3 10.66 11.50 29.52
C THR A 3 12.05 10.97 29.25
N SER A 4 12.74 11.62 28.32
CA SER A 4 14.08 11.20 27.93
C SER A 4 14.67 12.33 27.12
N LEU A 5 15.91 12.13 26.66
CA LEU A 5 16.60 13.06 25.78
C LEU A 5 16.70 12.55 24.36
N LEU A 6 15.85 11.59 23.98
CA LEU A 6 16.04 10.86 22.72
C LEU A 6 16.05 11.78 21.51
N PHE A 7 15.22 12.81 21.48
CA PHE A 7 15.13 13.66 20.31
C PHE A 7 15.90 14.97 20.47
N GLU A 8 16.94 14.97 21.30
CA GLU A 8 17.59 16.23 21.68
C GLU A 8 18.27 16.85 20.47
N GLN A 9 18.07 18.15 20.30
CA GLN A 9 18.68 18.94 19.23
C GLN A 9 18.03 18.72 17.87
N LEU A 10 16.85 18.10 17.82
CA LEU A 10 16.16 17.85 16.56
C LEU A 10 14.89 18.70 16.44
N ASN A 11 14.68 19.20 15.23
CA ASN A 11 13.56 20.05 14.86
C ASN A 11 12.56 19.23 14.07
N PHE A 12 11.27 19.35 14.42
CA PHE A 12 10.23 18.62 13.73
C PHE A 12 9.18 19.56 13.13
N LEU A 13 8.52 19.08 12.09
CA LEU A 13 7.42 19.80 11.46
C LEU A 13 6.29 18.81 11.17
N ILE A 14 5.15 19.04 11.78
CA ILE A 14 3.98 18.20 11.61
C ILE A 14 3.04 18.84 10.60
N LEU A 15 2.74 18.13 9.52
CA LEU A 15 1.76 18.60 8.56
C LEU A 15 0.39 18.00 8.92
N VAL A 16 -0.60 18.84 9.16
CA VAL A 16 -1.93 18.34 9.47
C VAL A 16 -2.77 18.48 8.21
N ALA A 17 -3.25 17.35 7.70
CA ALA A 17 -3.97 17.38 6.42
C ALA A 17 -5.48 17.59 6.57
N ALA A 18 -6.02 17.49 7.79
CA ALA A 18 -7.43 17.69 8.03
C ALA A 18 -7.67 17.98 9.50
N GLU A 19 -8.75 18.70 9.79
CA GLU A 19 -9.07 19.06 11.17
C GLU A 19 -9.25 17.82 12.05
N ALA A 20 -9.77 16.73 11.50
CA ALA A 20 -9.90 15.49 12.28
C ALA A 20 -8.55 14.94 12.76
N GLU A 21 -7.43 15.41 12.21
CA GLU A 21 -6.14 14.90 12.65
C GLU A 21 -5.52 15.73 13.75
N LEU A 22 -6.17 16.79 14.22
CA LEU A 22 -5.59 17.57 15.32
C LEU A 22 -5.31 16.73 16.55
N PRO A 23 -6.19 15.84 17.01
CA PRO A 23 -5.83 15.03 18.18
C PRO A 23 -4.57 14.20 18.00
N ILE A 24 -4.32 13.62 16.82
CA ILE A 24 -3.08 12.87 16.69
C ILE A 24 -1.89 13.80 16.52
N ALA A 25 -2.11 14.98 15.96
CA ALA A 25 -1.05 15.97 15.92
C ALA A 25 -0.64 16.41 17.32
N HIS A 26 -1.63 16.64 18.20
CA HIS A 26 -1.33 17.04 19.58
C HIS A 26 -0.64 15.91 20.31
N SER A 27 -1.11 14.69 20.10
CA SER A 27 -0.53 13.52 20.74
C SER A 27 0.90 13.25 20.29
N THR A 28 1.26 13.65 19.06
CA THR A 28 2.63 13.42 18.61
C THR A 28 3.54 14.55 19.09
N ARG A 29 3.07 15.79 19.06
CA ARG A 29 3.88 16.86 19.62
C ARG A 29 4.22 16.58 21.08
N LYS A 30 3.29 16.00 21.82
CA LYS A 30 3.53 15.75 23.24
C LYS A 30 4.60 14.68 23.44
N LEU A 31 4.58 13.62 22.62
CA LEU A 31 5.67 12.64 22.67
C LEU A 31 7.01 13.28 22.31
N LEU A 32 7.00 14.20 21.33
CA LEU A 32 8.27 14.78 20.91
C LEU A 32 8.80 15.77 21.95
N MET A 33 7.91 16.51 22.60
CA MET A 33 8.37 17.42 23.63
C MET A 33 8.81 16.65 24.88
N ASP A 34 8.02 15.66 25.31
CA ASP A 34 8.41 14.87 26.49
C ASP A 34 9.74 14.16 26.32
N ASN A 35 10.20 13.97 25.10
CA ASN A 35 11.50 13.38 24.85
C ASN A 35 12.47 14.41 24.29
N SER A 36 12.25 15.68 24.68
CA SER A 36 13.29 16.72 24.64
C SER A 36 13.67 17.13 23.21
N CYS A 37 12.69 17.22 22.32
CA CYS A 37 13.00 17.73 21.00
C CYS A 37 13.30 19.21 21.11
N ASN A 38 14.10 19.72 20.19
CA ASN A 38 14.41 21.13 20.23
C ASN A 38 13.20 21.98 19.84
N ASN A 39 12.50 21.60 18.78
CA ASN A 39 11.40 22.42 18.30
C ASN A 39 10.47 21.55 17.45
N CYS A 40 9.18 21.84 17.52
CA CYS A 40 8.17 21.08 16.78
C CYS A 40 7.09 22.03 16.25
N GLN A 41 7.22 22.47 15.01
CA GLN A 41 6.19 23.32 14.43
C GLN A 41 5.00 22.50 13.93
N ILE A 42 3.81 23.10 13.97
CA ILE A 42 2.61 22.54 13.36
C ILE A 42 2.22 23.41 12.17
N TYR A 43 1.79 22.77 11.08
CA TYR A 43 1.32 23.47 9.91
C TYR A 43 0.07 22.79 9.41
N GLU A 44 -1.00 23.54 9.27
CA GLU A 44 -2.27 22.99 8.82
C GLU A 44 -2.38 23.23 7.32
N LEU A 45 -2.34 22.14 6.54
CA LEU A 45 -2.46 22.26 5.09
C LEU A 45 -3.87 22.71 4.71
N TYR A 46 -4.87 22.23 5.41
CA TYR A 46 -6.27 22.44 5.05
C TYR A 46 -6.74 23.86 5.33
N ASN A 47 -5.98 24.62 6.11
CA ASN A 47 -6.37 25.95 6.53
C ASN A 47 -5.54 27.03 5.86
N GLU A 48 -4.93 26.74 4.72
CA GLU A 48 -4.28 27.77 3.94
C GLU A 48 -4.42 27.47 2.47
N ASN A 49 -4.59 28.52 1.67
CA ASN A 49 -4.66 28.39 0.22
C ASN A 49 -3.27 28.41 -0.34
N LEU A 50 -2.84 27.28 -0.88
CA LEU A 50 -1.54 27.22 -1.50
C LEU A 50 -1.68 27.18 -3.01
N LYS A 51 -2.89 27.40 -3.52
CA LYS A 51 -3.08 27.58 -4.96
C LYS A 51 -2.32 28.81 -5.42
N ASP A 52 -1.52 28.63 -6.47
CA ASP A 52 -0.87 29.72 -7.20
C ASP A 52 0.19 30.45 -6.38
N VAL A 53 0.62 29.87 -5.27
CA VAL A 53 1.83 30.32 -4.57
C VAL A 53 2.90 29.27 -4.82
N LYS A 54 4.05 29.71 -5.32
CA LYS A 54 5.17 28.84 -5.61
C LYS A 54 5.78 28.39 -4.30
N THR A 55 5.40 27.20 -3.84
CA THR A 55 5.99 26.60 -2.64
C THR A 55 7.33 25.97 -2.99
N ASP A 56 8.31 26.81 -3.18
CA ASP A 56 9.57 26.34 -3.71
C ASP A 56 10.60 26.22 -2.58
N LYS A 57 11.85 25.98 -2.96
CA LYS A 57 12.89 25.78 -1.96
C LYS A 57 13.07 27.01 -1.09
N ASP A 58 13.12 28.20 -1.70
CA ASP A 58 13.27 29.42 -0.92
C ASP A 58 12.06 29.67 -0.04
N TRP A 59 10.86 29.46 -0.57
CA TRP A 59 9.65 29.59 0.24
C TRP A 59 9.72 28.70 1.48
N PHE A 60 10.16 27.46 1.30
CA PHE A 60 10.19 26.55 2.44
C PHE A 60 11.23 26.95 3.48
N MET A 61 12.44 27.32 3.03
CA MET A 61 13.48 27.71 3.98
C MET A 61 13.06 28.93 4.77
N ASN A 62 12.45 29.91 4.09
CA ASN A 62 12.01 31.10 4.82
C ASN A 62 10.82 30.81 5.71
N LYS A 63 9.87 30.00 5.27
CA LYS A 63 8.68 29.78 6.09
C LYS A 63 9.00 28.95 7.33
N PHE A 64 9.84 27.93 7.22
CA PHE A 64 10.06 27.01 8.32
C PHE A 64 11.48 26.99 8.85
N GLY A 65 12.40 27.77 8.30
CA GLY A 65 13.76 27.79 8.84
C GLY A 65 13.92 28.88 9.87
N PRO A 66 15.11 29.50 9.95
CA PRO A 66 16.33 29.29 9.15
C PRO A 66 17.10 28.02 9.49
N GLN A 67 16.78 27.38 10.61
CA GLN A 67 17.50 26.16 10.92
C GLN A 67 16.86 24.98 10.19
N THR A 68 17.60 23.88 10.13
CA THR A 68 17.09 22.70 9.45
C THR A 68 15.79 22.21 10.07
N VAL A 69 14.98 21.56 9.26
CA VAL A 69 14.01 20.61 9.76
C VAL A 69 14.63 19.23 9.61
N HIS A 70 14.59 18.44 10.67
CA HIS A 70 15.19 17.12 10.59
C HIS A 70 14.21 16.09 10.03
N PHE A 71 12.95 16.18 10.44
CA PHE A 71 11.93 15.20 10.10
C PHE A 71 10.61 15.90 9.86
N VAL A 72 9.96 15.57 8.77
CA VAL A 72 8.61 16.03 8.53
C VAL A 72 7.70 14.86 8.84
N ILE A 73 6.68 15.10 9.65
CA ILE A 73 5.76 14.05 10.06
C ILE A 73 4.46 14.28 9.31
N SER A 74 4.08 13.28 8.52
CA SER A 74 2.93 13.35 7.64
C SER A 74 2.51 11.94 7.30
N ASN A 75 1.20 11.71 7.28
CA ASN A 75 0.71 10.44 6.78
C ASN A 75 0.29 10.53 5.32
N THR A 76 0.56 11.63 4.64
CA THR A 76 0.32 11.78 3.21
C THR A 76 1.47 12.52 2.57
N ILE A 77 1.70 12.24 1.28
CA ILE A 77 2.60 13.04 0.46
C ILE A 77 1.85 14.06 -0.40
N ASN A 78 0.51 14.14 -0.28
CA ASN A 78 -0.29 15.06 -1.09
C ASN A 78 -0.20 16.48 -0.53
N PHE A 79 0.95 17.10 -0.75
CA PHE A 79 1.15 18.52 -0.41
C PHE A 79 2.21 19.08 -1.34
N PRO A 80 2.13 20.37 -1.69
CA PRO A 80 2.81 20.86 -2.89
C PRO A 80 4.27 21.17 -2.70
N PHE A 81 4.81 21.00 -1.49
CA PHE A 81 6.25 21.11 -1.30
C PHE A 81 6.87 19.77 -0.95
N TYR A 82 6.13 18.67 -1.18
CA TYR A 82 6.72 17.33 -1.00
C TYR A 82 8.02 17.14 -1.78
N LYS A 83 8.05 17.50 -3.06
CA LYS A 83 9.23 17.15 -3.85
C LYS A 83 10.44 17.97 -3.43
N ILE A 84 10.21 19.23 -3.08
CA ILE A 84 11.26 20.10 -2.57
C ILE A 84 11.88 19.52 -1.31
N VAL A 85 11.03 19.09 -0.37
CA VAL A 85 11.47 18.52 0.90
C VAL A 85 12.20 17.20 0.67
N TYR A 86 11.58 16.30 -0.12
CA TYR A 86 12.04 14.92 -0.16
C TYR A 86 13.18 14.72 -1.16
N PHE A 87 13.13 15.37 -2.32
CA PHE A 87 14.14 15.07 -3.35
C PHE A 87 15.28 16.09 -3.41
N ASP A 88 15.02 17.33 -3.06
CA ASP A 88 16.05 18.38 -3.09
C ASP A 88 16.76 18.46 -1.73
N LEU A 89 16.04 18.89 -0.69
CA LEU A 89 16.61 19.06 0.65
C LEU A 89 16.85 17.74 1.39
N LEU A 90 16.29 16.63 0.93
CA LEU A 90 16.59 15.30 1.48
C LEU A 90 16.15 15.17 2.92
N ILE A 91 15.06 15.84 3.26
CA ILE A 91 14.48 15.81 4.60
C ILE A 91 13.55 14.61 4.61
N PRO A 92 13.66 13.66 5.53
CA PRO A 92 12.71 12.55 5.55
C PRO A 92 11.30 13.02 5.88
N VAL A 93 10.34 12.20 5.47
CA VAL A 93 8.92 12.43 5.65
C VAL A 93 8.38 11.14 6.21
N VAL A 94 7.97 11.15 7.47
CA VAL A 94 7.65 9.90 8.16
C VAL A 94 6.26 10.00 8.79
N SER A 95 5.65 8.83 8.99
CA SER A 95 4.31 8.81 9.53
C SER A 95 4.33 9.08 11.05
N HIS A 96 3.15 9.38 11.58
CA HIS A 96 3.04 9.49 13.02
C HIS A 96 3.63 8.27 13.72
N THR A 97 3.37 7.08 13.21
CA THR A 97 3.89 5.88 13.88
C THR A 97 5.40 5.90 14.08
N TRP A 98 6.15 6.69 13.31
CA TRP A 98 7.60 6.70 13.51
C TRP A 98 7.96 7.29 14.87
N VAL A 99 7.21 8.31 15.28
CA VAL A 99 7.43 8.91 16.59
C VAL A 99 7.12 7.90 17.69
N GLN A 100 5.96 7.22 17.58
CA GLN A 100 5.57 6.22 18.57
C GLN A 100 6.60 5.10 18.68
N ASP A 101 6.92 4.48 17.55
CA ASP A 101 7.85 3.36 17.60
C ASP A 101 9.22 3.79 18.09
N SER A 102 9.72 4.93 17.61
CA SER A 102 11.03 5.41 18.05
C SER A 102 11.05 5.65 19.56
N VAL A 103 9.98 6.17 20.12
CA VAL A 103 9.94 6.33 21.57
C VAL A 103 9.94 4.96 22.25
N LYS A 104 9.14 4.01 21.75
CA LYS A 104 9.03 2.71 22.40
C LYS A 104 10.35 1.94 22.38
N THR A 105 11.05 1.98 21.25
CA THR A 105 12.35 1.33 21.15
C THR A 105 13.49 2.19 21.67
N LYS A 106 13.25 3.47 21.93
CA LYS A 106 14.29 4.37 22.43
C LYS A 106 15.42 4.55 21.41
N ARG A 107 15.08 4.56 20.13
CA ARG A 107 16.09 4.81 19.11
C ARG A 107 15.45 5.51 17.92
N HIS A 108 16.26 6.31 17.23
CA HIS A 108 15.85 6.95 15.98
C HIS A 108 15.73 5.93 14.86
N LEU A 109 14.57 5.31 14.67
CA LEU A 109 14.48 4.22 13.70
C LEU A 109 14.73 4.71 12.28
N ARG A 110 15.17 3.78 11.44
CA ARG A 110 15.32 4.03 10.02
C ARG A 110 14.00 4.54 9.44
N THR A 111 14.09 5.53 8.56
CA THR A 111 12.89 6.22 8.13
C THR A 111 12.08 5.46 7.08
N ASN A 112 12.70 4.46 6.44
CA ASN A 112 12.23 3.97 5.15
C ASN A 112 10.88 3.30 5.26
N MET A 113 10.73 2.43 6.26
CA MET A 113 9.46 1.75 6.43
C MET A 113 8.32 2.70 6.76
N TYR A 114 8.61 3.93 7.20
CA TYR A 114 7.55 4.83 7.67
C TYR A 114 7.23 5.92 6.68
N SER A 115 7.79 5.86 5.48
CA SER A 115 7.43 6.79 4.42
C SER A 115 5.98 6.57 3.94
N PRO A 116 5.18 7.62 3.80
CA PRO A 116 3.81 7.44 3.27
C PRO A 116 3.70 7.51 1.75
N ASN A 117 4.80 7.61 1.03
CA ASN A 117 4.76 7.62 -0.41
C ASN A 117 4.32 6.26 -0.92
N PRO A 118 3.16 6.12 -1.53
CA PRO A 118 2.72 4.78 -1.97
C PRO A 118 3.54 4.22 -3.14
N PHE A 119 4.40 5.02 -3.78
CA PHE A 119 5.37 4.47 -4.73
C PHE A 119 6.53 3.76 -4.04
N HIS A 120 6.70 3.93 -2.72
CA HIS A 120 7.89 3.39 -2.05
C HIS A 120 7.63 1.92 -1.71
N LEU A 121 7.51 1.14 -2.78
CA LEU A 121 7.07 -0.23 -2.69
C LEU A 121 8.09 -1.17 -2.04
N LEU A 122 9.37 -0.81 -2.02
CA LEU A 122 10.37 -1.66 -1.40
C LEU A 122 10.83 -1.10 -0.05
N ARG A 123 10.02 -0.24 0.56
CA ARG A 123 10.35 0.33 1.87
C ARG A 123 10.73 -0.74 2.89
N ASP A 124 10.28 -1.99 2.72
CA ASP A 124 10.61 -3.02 3.71
C ASP A 124 11.95 -3.70 3.42
N CYS A 125 12.43 -3.64 2.19
CA CYS A 125 13.49 -4.53 1.76
C CYS A 125 14.86 -3.98 2.14
N GLN A 126 15.74 -4.88 2.54
CA GLN A 126 17.15 -4.57 2.72
C GLN A 126 17.89 -5.36 1.65
N VAL A 127 18.48 -4.66 0.69
CA VAL A 127 18.88 -5.28 -0.57
C VAL A 127 20.39 -5.21 -0.75
N TYR A 128 21.00 -6.37 -0.94
CA TYR A 128 22.38 -6.48 -1.36
C TYR A 128 22.43 -6.58 -2.87
N ILE A 129 23.23 -5.74 -3.50
CA ILE A 129 23.48 -5.80 -4.93
C ILE A 129 24.91 -6.30 -5.11
N SER A 130 25.03 -7.46 -5.74
CA SER A 130 26.30 -8.14 -5.90
C SER A 130 27.15 -7.40 -6.91
N LYS A 131 28.19 -6.68 -6.44
CA LYS A 131 29.05 -5.96 -7.38
C LYS A 131 29.72 -6.90 -8.37
N SER A 132 30.15 -8.09 -7.91
CA SER A 132 30.79 -9.03 -8.82
C SER A 132 29.90 -9.33 -10.02
N SER A 133 28.60 -9.13 -9.85
CA SER A 133 27.61 -9.52 -10.84
C SER A 133 27.43 -8.47 -11.94
N PHE A 134 27.83 -7.21 -11.70
CA PHE A 134 27.39 -6.10 -12.52
C PHE A 134 28.54 -5.18 -12.92
N ASN A 135 28.42 -4.56 -14.10
CA ASN A 135 29.27 -3.42 -14.38
C ASN A 135 28.98 -2.26 -13.41
N LYS A 136 29.91 -1.31 -13.32
CA LYS A 136 29.65 -0.11 -12.54
C LYS A 136 28.33 0.56 -12.95
N CYS A 137 28.15 0.78 -14.24
CA CYS A 137 27.00 1.59 -14.63
C CYS A 137 25.69 0.85 -14.36
N GLU A 138 25.70 -0.47 -14.47
CA GLU A 138 24.53 -1.26 -14.05
C GLU A 138 24.25 -1.11 -12.57
N TYR A 139 25.29 -1.25 -11.74
CA TYR A 139 25.11 -1.14 -10.29
C TYR A 139 24.51 0.22 -9.92
N ILE A 140 25.00 1.29 -10.53
CA ILE A 140 24.53 2.62 -10.19
C ILE A 140 23.04 2.77 -10.54
N LEU A 141 22.62 2.20 -11.68
CA LEU A 141 21.23 2.34 -12.09
C LEU A 141 20.31 1.55 -11.16
N TYR A 142 20.67 0.29 -10.88
CA TYR A 142 19.87 -0.51 -9.95
C TYR A 142 19.77 0.16 -8.58
N SER A 143 20.84 0.80 -8.08
CA SER A 143 20.77 1.51 -6.82
C SER A 143 19.82 2.69 -6.91
N ASP A 144 19.93 3.45 -8.00
CA ASP A 144 19.05 4.59 -8.19
C ASP A 144 17.60 4.16 -8.06
N LEU A 145 17.19 3.11 -8.80
CA LEU A 145 15.80 2.71 -8.82
C LEU A 145 15.35 2.11 -7.48
N LEU A 146 16.23 1.34 -6.85
CA LEU A 146 15.95 0.83 -5.50
C LEU A 146 15.64 1.97 -4.55
N HIS A 147 16.51 3.00 -4.53
CA HIS A 147 16.31 4.16 -3.67
C HIS A 147 15.03 4.90 -4.05
N LEU A 148 14.76 5.02 -5.35
CA LEU A 148 13.51 5.63 -5.79
C LEU A 148 12.30 4.81 -5.41
N LEU A 149 12.47 3.52 -5.11
CA LEU A 149 11.37 2.70 -4.64
C LEU A 149 11.37 2.57 -3.12
N GLY A 150 12.17 3.36 -2.43
CA GLY A 150 12.12 3.43 -1.00
C GLY A 150 12.87 2.34 -0.27
N GLY A 151 13.56 1.47 -0.99
CA GLY A 151 14.31 0.42 -0.33
C GLY A 151 15.67 0.90 0.18
N THR A 152 16.32 0.03 0.94
CA THR A 152 17.58 0.33 1.59
C THR A 152 18.69 -0.49 0.93
N LEU A 153 19.82 0.14 0.67
CA LEU A 153 20.98 -0.52 0.09
C LEU A 153 21.94 -0.91 1.19
N VAL A 154 22.28 -2.20 1.27
CA VAL A 154 23.33 -2.68 2.16
C VAL A 154 24.50 -3.19 1.32
N ASN A 155 25.70 -3.03 1.87
CA ASN A 155 26.91 -3.49 1.21
C ASN A 155 27.50 -4.72 1.88
N TYR A 156 26.66 -5.46 2.60
CA TYR A 156 27.02 -6.63 3.38
C TYR A 156 25.80 -7.54 3.40
N ILE A 157 26.02 -8.83 3.53
CA ILE A 157 24.93 -9.76 3.74
C ILE A 157 24.79 -9.99 5.24
N SER A 158 23.56 -10.01 5.73
CA SER A 158 23.31 -10.13 7.16
C SER A 158 22.02 -10.90 7.37
N ASN A 159 21.65 -11.05 8.63
CA ASN A 159 20.33 -11.61 8.90
C ASN A 159 19.22 -10.64 8.50
N ARG A 160 19.53 -9.34 8.52
CA ARG A 160 18.51 -8.35 8.17
C ARG A 160 18.23 -8.34 6.67
N THR A 161 19.25 -8.66 5.87
CA THR A 161 19.14 -8.67 4.42
C THR A 161 17.93 -9.47 3.97
N THR A 162 17.11 -8.87 3.11
CA THR A 162 15.98 -9.60 2.57
C THR A 162 16.19 -10.11 1.14
N HIS A 163 17.02 -9.44 0.34
CA HIS A 163 17.15 -9.76 -1.07
C HIS A 163 18.60 -9.63 -1.53
N VAL A 164 19.00 -10.52 -2.44
CA VAL A 164 20.31 -10.46 -3.09
C VAL A 164 20.06 -10.41 -4.58
N ILE A 165 20.52 -9.33 -5.23
CA ILE A 165 20.33 -9.11 -6.66
C ILE A 165 21.51 -9.69 -7.42
N VAL A 166 21.24 -10.62 -8.33
CA VAL A 166 22.27 -11.22 -9.14
C VAL A 166 21.82 -11.17 -10.58
N GLN A 167 22.78 -11.34 -11.49
CA GLN A 167 22.52 -11.34 -12.91
C GLN A 167 22.24 -12.73 -13.47
N SER A 168 22.88 -13.76 -12.93
CA SER A 168 22.82 -15.08 -13.55
C SER A 168 23.31 -16.11 -12.54
N PRO A 169 23.01 -17.40 -12.76
CA PRO A 169 23.56 -18.44 -11.88
C PRO A 169 25.08 -18.47 -11.88
N GLN A 170 25.73 -17.99 -12.94
CA GLN A 170 27.19 -18.09 -12.99
C GLN A 170 27.89 -17.15 -12.03
N ASP A 171 27.16 -16.28 -11.36
CA ASP A 171 27.82 -15.22 -10.60
C ASP A 171 28.50 -15.81 -9.36
N PRO A 172 29.73 -15.38 -9.06
CA PRO A 172 30.49 -16.03 -7.98
C PRO A 172 29.93 -15.80 -6.61
N ILE A 173 28.93 -14.93 -6.45
CA ILE A 173 28.46 -14.69 -5.09
C ILE A 173 27.55 -15.82 -4.65
N ILE A 174 26.83 -16.43 -5.60
CA ILE A 174 25.92 -17.51 -5.29
C ILE A 174 26.67 -18.68 -4.68
N ALA A 175 27.67 -19.18 -5.41
CA ALA A 175 28.41 -20.35 -4.95
C ALA A 175 29.06 -20.10 -3.59
N THR A 176 29.88 -19.05 -3.50
CA THR A 176 30.69 -18.90 -2.29
C THR A 176 29.84 -18.69 -1.05
N VAL A 177 28.57 -18.32 -1.21
CA VAL A 177 27.69 -18.24 -0.06
C VAL A 177 27.26 -19.66 0.31
N SER A 178 26.34 -20.22 -0.48
CA SER A 178 25.80 -21.53 -0.15
C SER A 178 26.56 -22.63 -0.89
N GLU A 200 15.27 -15.53 6.50
CA GLU A 200 16.23 -15.79 5.42
C GLU A 200 16.10 -14.75 4.31
N TRP A 201 16.86 -14.94 3.23
CA TRP A 201 16.90 -13.99 2.13
C TRP A 201 16.84 -14.71 0.79
N LYS A 202 16.50 -13.95 -0.23
CA LYS A 202 16.11 -14.47 -1.54
C LYS A 202 16.98 -13.87 -2.65
N PHE A 203 17.43 -14.74 -3.55
CA PHE A 203 18.24 -14.36 -4.70
C PHE A 203 17.32 -14.07 -5.88
N VAL A 204 17.44 -12.88 -6.46
CA VAL A 204 16.57 -12.48 -7.57
C VAL A 204 17.36 -11.77 -8.67
N TYR A 205 16.76 -11.76 -9.85
CA TYR A 205 17.29 -11.02 -10.97
C TYR A 205 16.90 -9.56 -10.83
N PRO A 206 17.60 -8.64 -11.52
CA PRO A 206 17.29 -7.23 -11.35
C PRO A 206 15.91 -6.85 -11.83
N ILE A 207 15.23 -7.74 -12.54
CA ILE A 207 13.87 -7.43 -12.96
C ILE A 207 12.94 -7.34 -11.76
N TRP A 208 13.30 -7.99 -10.65
CA TRP A 208 12.56 -7.79 -9.41
C TRP A 208 12.44 -6.32 -9.06
N ILE A 209 13.55 -5.56 -9.19
CA ILE A 209 13.50 -4.11 -8.99
C ILE A 209 12.70 -3.45 -10.10
N LEU A 210 13.08 -3.71 -11.35
CA LEU A 210 12.54 -2.97 -12.48
C LEU A 210 11.03 -3.15 -12.63
N TYR A 211 10.52 -4.33 -12.27
CA TYR A 211 9.07 -4.54 -12.35
C TYR A 211 8.32 -3.55 -11.45
N HIS A 212 8.68 -3.50 -10.17
CA HIS A 212 8.08 -2.52 -9.25
C HIS A 212 8.21 -1.11 -9.79
N PHE A 213 9.34 -0.76 -10.38
CA PHE A 213 9.47 0.59 -10.89
C PHE A 213 8.52 0.83 -12.05
N LYS A 214 8.51 -0.08 -13.04
CA LYS A 214 7.71 0.15 -14.23
C LYS A 214 6.20 0.00 -13.96
N MET A 215 5.79 -0.98 -13.14
CA MET A 215 4.36 -1.24 -12.95
C MET A 215 3.77 -0.61 -11.68
N ALA A 216 4.61 -0.20 -10.72
CA ALA A 216 4.15 0.48 -9.51
C ALA A 216 3.13 -0.36 -8.76
N LYS A 217 3.31 -1.67 -8.71
CA LYS A 217 2.47 -2.52 -7.89
C LYS A 217 3.31 -3.71 -7.48
N PRO A 218 2.98 -4.37 -6.39
CA PRO A 218 3.83 -5.45 -5.90
C PRO A 218 3.87 -6.61 -6.88
N LEU A 219 4.93 -7.41 -6.75
CA LEU A 219 5.22 -8.49 -7.67
C LEU A 219 4.61 -9.76 -7.07
N LYS A 220 3.45 -10.18 -7.61
CA LYS A 220 2.74 -11.28 -6.94
C LYS A 220 2.37 -12.47 -7.81
N GLY A 221 2.28 -12.31 -9.13
CA GLY A 221 1.74 -13.41 -9.92
C GLY A 221 2.67 -14.59 -10.11
N GLU A 222 2.51 -15.30 -11.24
CA GLU A 222 3.59 -16.14 -11.71
C GLU A 222 4.77 -15.28 -12.13
N LEU A 223 4.50 -14.05 -12.55
CA LEU A 223 5.59 -13.10 -12.78
C LEU A 223 6.60 -13.12 -11.65
N ALA A 224 6.14 -13.16 -10.40
CA ALA A 224 7.08 -13.14 -9.27
C ALA A 224 7.96 -14.38 -9.27
N THR A 225 7.52 -15.46 -9.92
CA THR A 225 8.35 -16.65 -9.95
C THR A 225 9.47 -16.49 -10.97
N LEU A 226 9.20 -15.77 -12.06
CA LEU A 226 10.22 -15.61 -13.08
C LEU A 226 11.45 -14.89 -12.54
N CYS A 227 11.26 -13.99 -11.56
CA CYS A 227 12.33 -13.10 -11.15
C CYS A 227 13.32 -13.73 -10.19
N GLU A 228 13.15 -14.99 -9.81
CA GLU A 228 14.01 -15.59 -8.80
C GLU A 228 15.11 -16.44 -9.43
N LEU A 229 16.26 -16.44 -8.77
CA LEU A 229 17.44 -17.12 -9.28
C LEU A 229 17.13 -18.58 -9.56
N ASP A 230 17.42 -19.01 -10.79
CA ASP A 230 17.10 -20.34 -11.31
C ASP A 230 18.37 -20.91 -11.94
N MET A 231 18.86 -22.04 -11.40
CA MET A 231 20.16 -22.55 -11.86
C MET A 231 20.10 -23.19 -13.24
N GLN A 232 18.91 -23.44 -13.78
CA GLN A 232 18.83 -23.95 -15.14
C GLN A 232 19.14 -22.88 -16.17
N ASP A 233 19.02 -21.60 -15.77
CA ASP A 233 19.25 -20.49 -16.69
C ASP A 233 20.74 -20.27 -16.94
N THR A 234 21.39 -21.27 -17.53
CA THR A 234 22.81 -21.12 -17.82
C THR A 234 23.06 -20.50 -19.17
N SER A 235 22.02 -20.26 -19.95
CA SER A 235 22.16 -19.67 -21.26
C SER A 235 21.61 -18.25 -21.27
N GLU A 236 22.32 -17.37 -21.98
CA GLU A 236 21.85 -16.01 -22.15
C GLU A 236 20.43 -15.96 -22.71
N GLU A 237 20.07 -16.93 -23.56
CA GLU A 237 18.78 -16.82 -24.25
C GLU A 237 17.62 -16.94 -23.29
N GLN A 238 17.85 -17.61 -22.17
CA GLN A 238 16.80 -17.76 -21.17
C GLN A 238 16.60 -16.46 -20.39
N LEU A 239 17.70 -15.85 -19.92
CA LEU A 239 17.59 -14.57 -19.22
C LEU A 239 16.84 -13.56 -20.08
N PHE A 240 17.23 -13.45 -21.34
CA PHE A 240 16.56 -12.53 -22.26
C PHE A 240 15.07 -12.77 -22.28
N ALA A 241 14.67 -14.03 -22.11
CA ALA A 241 13.27 -14.39 -22.29
C ALA A 241 12.46 -14.10 -21.04
N LYS A 242 13.08 -14.18 -19.86
CA LYS A 242 12.37 -13.79 -18.63
C LYS A 242 12.21 -12.28 -18.56
N TRP A 243 13.25 -11.55 -18.95
CA TRP A 243 13.18 -10.09 -19.03
C TRP A 243 12.08 -9.63 -19.98
N GLU A 244 11.98 -10.22 -21.17
CA GLU A 244 10.94 -9.74 -22.07
C GLU A 244 9.55 -10.09 -21.54
N GLU A 245 9.46 -11.13 -20.72
CA GLU A 245 8.16 -11.47 -20.15
C GLU A 245 7.84 -10.58 -18.97
N VAL A 246 8.78 -10.46 -18.02
CA VAL A 246 8.49 -9.71 -16.80
C VAL A 246 8.33 -8.22 -17.08
N ILE A 247 9.14 -7.66 -17.98
CA ILE A 247 9.05 -6.22 -18.20
C ILE A 247 8.91 -5.85 -19.66
N GLY A 248 8.59 -6.81 -20.53
CA GLY A 248 8.52 -6.52 -21.95
C GLY A 248 7.22 -5.87 -22.41
N ASP A 249 6.11 -6.59 -22.28
CA ASP A 249 4.78 -6.12 -22.68
C ASP A 249 3.69 -6.98 -22.04
N THR A 252 2.68 -3.97 -19.90
CA THR A 252 2.56 -2.53 -20.16
C THR A 252 1.69 -1.76 -19.14
N SER A 253 0.37 -1.94 -19.19
CA SER A 253 -0.52 -1.05 -18.45
C SER A 253 -0.29 -1.18 -16.95
N SER A 254 0.00 -0.05 -16.30
CA SER A 254 0.54 -0.07 -14.95
C SER A 254 -0.46 0.46 -13.92
N SER A 255 -0.09 0.31 -12.65
CA SER A 255 -0.91 0.75 -11.54
C SER A 255 -0.45 2.13 -11.04
N GLN A 256 -1.26 2.71 -10.16
CA GLN A 256 -0.95 4.00 -9.54
C GLN A 256 -0.58 5.02 -10.61
N LEU A 257 -1.43 5.09 -11.65
CA LEU A 257 -1.20 5.96 -12.80
C LEU A 257 -1.18 7.45 -12.45
N THR A 258 -1.59 7.80 -11.24
CA THR A 258 -1.69 9.19 -10.82
C THR A 258 -0.40 9.72 -10.20
N LEU A 259 0.56 8.84 -9.95
CA LEU A 259 1.68 9.21 -9.09
C LEU A 259 2.75 10.01 -9.85
N HIS A 260 2.95 9.71 -11.15
CA HIS A 260 3.89 10.44 -12.00
C HIS A 260 3.22 10.91 -13.29
N PRO A 261 2.28 11.85 -13.20
CA PRO A 261 1.35 12.07 -14.32
C PRO A 261 1.92 12.83 -15.50
N ASN A 262 3.19 13.21 -15.50
CA ASN A 262 3.70 14.03 -16.59
C ASN A 262 4.29 13.12 -17.65
N LYS A 263 3.47 12.71 -18.60
CA LYS A 263 3.90 11.75 -19.62
C LYS A 263 4.62 12.41 -20.79
N THR A 264 4.80 13.72 -20.78
CA THR A 264 5.63 14.38 -21.77
C THR A 264 6.88 15.03 -21.17
N LEU A 265 7.41 14.46 -20.06
CA LEU A 265 8.56 15.02 -19.38
C LEU A 265 9.70 15.36 -20.34
N PHE A 266 9.99 14.47 -21.30
CA PHE A 266 11.14 14.63 -22.20
C PHE A 266 10.71 15.04 -23.62
N LYS A 267 9.57 15.71 -23.78
CA LYS A 267 9.14 16.10 -25.12
C LYS A 267 10.10 17.11 -25.71
N ASN A 268 10.38 16.95 -27.00
CA ASN A 268 11.31 17.79 -27.75
C ASN A 268 12.75 17.66 -27.27
N HIS A 269 13.08 16.61 -26.51
CA HIS A 269 14.46 16.32 -26.16
C HIS A 269 14.89 15.00 -26.79
N HIS A 270 16.17 14.92 -27.11
CA HIS A 270 16.70 13.77 -27.82
C HIS A 270 18.06 13.43 -27.22
N PHE A 271 18.19 12.23 -26.67
CA PHE A 271 19.34 11.85 -25.85
C PHE A 271 20.29 10.95 -26.66
N ALA A 272 21.57 11.33 -26.68
CA ALA A 272 22.65 10.48 -27.19
C ALA A 272 23.20 9.66 -26.03
N ILE A 273 23.13 8.33 -26.14
CA ILE A 273 23.54 7.42 -25.07
C ILE A 273 24.96 6.94 -25.37
N SER A 274 25.85 7.21 -24.44
CA SER A 274 27.26 6.90 -24.63
C SER A 274 27.51 5.39 -24.69
N PRO A 275 28.49 4.93 -25.47
CA PRO A 275 28.89 3.51 -25.39
C PRO A 275 29.61 3.14 -24.09
N ASP A 276 30.12 4.10 -23.31
CA ASP A 276 30.67 3.72 -22.02
C ASP A 276 29.59 3.22 -21.05
N LEU A 277 28.32 3.22 -21.44
CA LEU A 277 27.26 2.57 -20.67
C LEU A 277 27.03 1.16 -21.23
N ASN A 278 27.90 0.23 -20.85
CA ASN A 278 27.73 -1.13 -21.37
C ASN A 278 26.78 -1.86 -20.45
N PHE A 279 25.51 -1.67 -20.75
CA PHE A 279 24.40 -2.35 -20.12
C PHE A 279 24.18 -3.70 -20.77
N PHE A 280 23.85 -4.67 -19.94
CA PHE A 280 23.02 -5.78 -20.42
C PHE A 280 21.98 -5.24 -21.40
N THR A 281 21.92 -5.83 -22.59
CA THR A 281 21.08 -5.28 -23.65
C THR A 281 19.60 -5.14 -23.28
N PRO A 282 18.94 -6.12 -22.65
CA PRO A 282 17.57 -5.83 -22.21
C PRO A 282 17.51 -4.66 -21.25
N LEU A 283 18.56 -4.43 -20.44
CA LEU A 283 18.54 -3.28 -19.53
C LEU A 283 18.58 -1.97 -20.31
N TYR A 284 19.34 -1.92 -21.39
CA TYR A 284 19.28 -0.76 -22.26
C TYR A 284 17.89 -0.60 -22.87
N TRP A 285 17.24 -1.71 -23.26
CA TRP A 285 15.89 -1.57 -23.81
C TRP A 285 14.95 -0.93 -22.78
N PHE A 286 15.11 -1.31 -21.51
CA PHE A 286 14.33 -0.70 -20.45
C PHE A 286 14.55 0.81 -20.38
N LEU A 287 15.81 1.24 -20.41
CA LEU A 287 16.11 2.67 -20.36
C LEU A 287 15.57 3.41 -21.57
N LYS A 288 15.63 2.78 -22.75
CA LYS A 288 15.06 3.37 -23.97
C LYS A 288 13.53 3.48 -23.87
N GLY A 289 12.87 2.46 -23.33
CA GLY A 289 11.43 2.54 -23.17
C GLY A 289 11.00 3.55 -22.12
N PHE A 290 11.71 3.59 -20.98
CA PHE A 290 11.51 4.64 -20.00
C PHE A 290 11.59 6.03 -20.64
N ILE A 291 12.66 6.28 -21.40
CA ILE A 291 12.80 7.59 -22.04
C ILE A 291 11.65 7.82 -23.04
N GLU A 292 11.42 6.83 -23.93
CA GLU A 292 10.45 7.03 -25.00
C GLU A 292 9.02 7.11 -24.47
N ASP A 293 8.67 6.32 -23.45
CA ASP A 293 7.34 6.48 -22.86
C ASP A 293 7.15 7.85 -22.22
N LEU A 294 8.24 8.57 -21.92
CA LEU A 294 8.12 9.93 -21.41
C LEU A 294 8.24 10.96 -22.54
N ASP A 295 8.09 10.51 -23.79
CA ASP A 295 8.03 11.28 -25.03
C ASP A 295 9.39 11.80 -25.49
N GLY A 296 10.50 11.24 -25.02
CA GLY A 296 11.79 11.66 -25.52
C GLY A 296 12.32 10.71 -26.58
N LYS A 297 13.40 11.12 -27.23
CA LYS A 297 14.05 10.29 -28.24
C LYS A 297 15.44 9.88 -27.79
N VAL A 298 15.91 8.76 -28.33
CA VAL A 298 17.14 8.09 -27.95
C VAL A 298 17.93 7.66 -29.19
N THR A 299 19.20 8.05 -29.28
CA THR A 299 20.15 7.48 -30.23
C THR A 299 21.33 6.87 -29.49
N PRO A 300 21.66 5.61 -29.72
CA PRO A 300 22.83 5.02 -29.06
C PRO A 300 24.10 5.33 -29.84
N LEU A 301 25.14 5.81 -29.15
CA LEU A 301 26.44 6.01 -29.79
C LEU A 301 27.28 4.76 -29.64
N SER A 302 28.02 4.42 -30.69
CA SER A 302 28.96 3.31 -30.61
C SER A 302 30.38 3.83 -30.74
N PHE A 303 31.36 3.00 -30.35
CA PHE A 303 32.74 3.45 -30.36
C PHE A 303 33.27 3.71 -31.76
N SER A 304 32.74 3.03 -32.76
CA SER A 304 33.25 3.19 -34.10
C SER A 304 32.52 4.28 -34.89
N ASP A 305 31.49 4.90 -34.31
CA ASP A 305 30.80 5.97 -35.02
C ASP A 305 31.74 7.11 -35.35
N ASP A 306 31.49 7.76 -36.49
CA ASP A 306 32.00 9.09 -36.74
C ASP A 306 31.05 10.09 -36.12
N LEU A 307 31.52 10.85 -35.13
CA LEU A 307 30.64 11.67 -34.32
C LEU A 307 30.10 12.87 -35.08
N LYS A 308 30.94 13.55 -35.87
CA LYS A 308 30.45 14.68 -36.67
C LYS A 308 29.23 14.28 -37.47
N SER A 309 29.26 13.11 -38.09
CA SER A 309 28.18 12.76 -38.97
C SER A 309 26.96 12.26 -38.21
N VAL A 310 27.15 11.63 -37.07
CA VAL A 310 26.01 11.26 -36.25
C VAL A 310 25.25 12.50 -35.81
N TYR A 311 25.96 13.51 -35.32
CA TYR A 311 25.29 14.71 -34.82
C TYR A 311 24.77 15.57 -35.96
N GLN A 312 25.43 15.53 -37.13
CA GLN A 312 24.88 16.22 -38.28
C GLN A 312 23.66 15.52 -38.84
N ALA A 313 23.61 14.18 -38.77
CA ALA A 313 22.45 13.46 -39.29
C ALA A 313 21.24 13.58 -38.37
N PHE A 314 21.46 13.87 -37.08
CA PHE A 314 20.39 13.96 -36.08
C PHE A 314 20.59 15.28 -35.36
N PRO A 315 20.34 16.39 -36.04
CA PRO A 315 20.66 17.71 -35.46
C PRO A 315 19.84 18.08 -34.24
N ASP A 316 18.71 17.41 -33.98
CA ASP A 316 17.89 17.70 -32.80
C ASP A 316 18.42 17.07 -31.52
N ILE A 317 19.59 16.43 -31.56
CA ILE A 317 20.18 15.86 -30.37
C ILE A 317 20.66 16.98 -29.48
N ASP A 318 20.10 17.07 -28.28
CA ASP A 318 20.42 18.15 -27.36
C ASP A 318 20.92 17.68 -26.00
N CYS A 319 21.01 16.37 -25.75
CA CYS A 319 21.51 15.87 -24.47
C CYS A 319 22.43 14.68 -24.68
N TYR A 320 23.51 14.62 -23.90
CA TYR A 320 24.42 13.48 -23.86
C TYR A 320 24.32 12.81 -22.50
N ILE A 321 24.19 11.48 -22.51
CA ILE A 321 24.02 10.69 -21.31
C ILE A 321 25.21 9.73 -21.25
N GLY A 322 26.07 9.90 -20.25
CA GLY A 322 27.21 9.01 -20.13
C GLY A 322 27.61 8.72 -18.71
N HIS A 323 28.39 7.66 -18.56
CA HIS A 323 28.87 7.25 -17.25
C HIS A 323 30.06 8.10 -16.79
N SER A 324 31.10 8.21 -17.60
CA SER A 324 32.35 8.77 -17.13
C SER A 324 32.58 10.18 -17.67
N ALA A 325 33.01 11.09 -16.79
CA ALA A 325 33.33 12.46 -17.21
C ALA A 325 34.56 12.52 -18.12
N ASN A 326 35.35 11.46 -18.20
CA ASN A 326 36.59 11.47 -18.96
C ASN A 326 36.52 10.65 -20.23
N SER A 327 35.33 10.20 -20.59
CA SER A 327 35.16 9.51 -21.87
C SER A 327 35.71 10.33 -23.03
N PRO A 328 36.50 9.72 -23.94
CA PRO A 328 36.83 10.41 -25.20
C PRO A 328 35.60 10.77 -26.02
N ILE A 329 34.54 9.95 -25.95
CA ILE A 329 33.32 10.27 -26.71
C ILE A 329 32.73 11.59 -26.24
N LEU A 330 32.78 11.87 -24.93
CA LEU A 330 32.25 13.11 -24.38
C LEU A 330 33.16 14.29 -24.68
N GLU A 331 34.47 14.06 -24.78
CA GLU A 331 35.35 15.16 -25.17
C GLU A 331 35.06 15.61 -26.60
N LYS A 332 35.05 14.67 -27.55
CA LYS A 332 34.73 15.06 -28.93
C LYS A 332 33.30 15.60 -29.04
N THR A 333 32.36 15.03 -28.28
CA THR A 333 31.00 15.55 -28.33
C THR A 333 30.97 17.04 -27.98
N LYS A 334 31.51 17.41 -26.82
CA LYS A 334 31.53 18.81 -26.40
C LYS A 334 32.11 19.73 -27.48
N SER A 335 33.14 19.25 -28.18
CA SER A 335 33.75 20.07 -29.24
C SER A 335 32.75 20.30 -30.38
N ILE A 336 31.96 19.30 -30.71
CA ILE A 336 30.98 19.44 -31.77
C ILE A 336 29.77 20.21 -31.30
N LYS A 337 29.28 19.96 -30.09
CA LYS A 337 27.99 20.48 -29.63
C LYS A 337 28.16 21.15 -28.28
N PRO A 338 28.90 22.26 -28.22
CA PRO A 338 29.35 22.78 -26.92
C PRO A 338 28.23 23.23 -25.99
N GLU A 339 27.00 23.35 -26.47
CA GLU A 339 25.88 23.69 -25.62
C GLU A 339 25.03 22.49 -25.25
N ILE A 340 25.50 21.28 -25.53
CA ILE A 340 24.73 20.08 -25.20
C ILE A 340 24.59 19.95 -23.68
N HIS A 341 23.41 19.51 -23.23
CA HIS A 341 23.29 19.10 -21.83
C HIS A 341 24.10 17.84 -21.62
N VAL A 342 24.91 17.82 -20.58
CA VAL A 342 25.77 16.69 -20.28
C VAL A 342 25.35 16.12 -18.93
N GLY A 343 24.72 14.95 -18.96
CA GLY A 343 24.22 14.31 -17.75
C GLY A 343 24.58 12.85 -17.68
N ASN A 344 24.14 12.22 -16.59
CA ASN A 344 24.27 10.79 -16.43
C ASN A 344 22.87 10.20 -16.32
N VAL A 345 22.80 8.88 -16.13
CA VAL A 345 21.51 8.22 -16.04
C VAL A 345 20.75 8.66 -14.78
N SER A 346 21.43 8.70 -13.65
CA SER A 346 20.87 9.29 -12.44
C SER A 346 20.13 10.59 -12.75
N TRP A 347 20.72 11.45 -13.59
CA TRP A 347 20.06 12.70 -13.92
C TRP A 347 18.67 12.45 -14.51
N LEU A 348 18.53 11.44 -15.37
CA LEU A 348 17.20 11.18 -15.92
C LEU A 348 16.21 10.91 -14.81
N PHE A 349 16.62 10.09 -13.83
CA PHE A 349 15.69 9.63 -12.83
C PHE A 349 15.37 10.72 -11.82
N TYR A 350 16.29 11.63 -11.60
CA TYR A 350 15.99 12.80 -10.79
C TYR A 350 14.99 13.72 -11.48
N MET A 351 15.15 13.95 -12.78
CA MET A 351 14.12 14.67 -13.51
C MET A 351 12.77 13.97 -13.39
N PHE A 352 12.78 12.63 -13.40
CA PHE A 352 11.56 11.89 -13.20
C PHE A 352 10.91 12.19 -11.85
N ALA A 353 11.69 12.21 -10.76
CA ALA A 353 11.11 12.50 -9.45
C ALA A 353 10.72 13.97 -9.32
N LEU A 354 11.49 14.90 -9.89
CA LEU A 354 10.97 16.26 -9.84
C LEU A 354 9.76 16.46 -10.73
N GLN A 355 9.53 15.56 -11.70
CA GLN A 355 8.50 15.72 -12.73
C GLN A 355 8.69 17.00 -13.55
N LYS A 356 9.93 17.44 -13.74
CA LYS A 356 10.21 18.60 -14.57
C LYS A 356 11.58 18.45 -15.20
N PHE A 357 11.70 18.79 -16.48
CA PHE A 357 13.03 18.85 -17.07
C PHE A 357 13.88 19.90 -16.36
N THR A 358 15.15 19.58 -16.09
CA THR A 358 15.96 20.50 -15.30
C THR A 358 17.43 20.47 -15.72
N PRO A 359 18.00 21.60 -16.13
CA PRO A 359 19.42 21.65 -16.48
C PRO A 359 20.29 21.06 -15.38
N VAL A 360 21.34 20.37 -15.80
CA VAL A 360 22.24 19.70 -14.89
C VAL A 360 22.80 20.67 -13.85
N SER A 361 23.10 21.90 -14.26
CA SER A 361 23.69 22.86 -13.33
C SER A 361 22.74 23.24 -12.20
N GLN A 362 21.44 22.99 -12.38
CA GLN A 362 20.44 23.16 -11.33
C GLN A 362 20.16 21.88 -10.55
N CYS A 363 20.84 20.77 -10.87
CA CYS A 363 20.66 19.54 -10.14
C CYS A 363 21.83 19.36 -9.16
N LYS A 364 22.19 18.12 -8.89
CA LYS A 364 23.19 17.86 -7.88
C LYS A 364 24.47 17.27 -8.49
N LEU A 365 25.55 17.29 -7.68
CA LEU A 365 26.85 16.85 -8.16
C LEU A 365 26.81 15.42 -8.67
N ILE A 366 25.86 14.62 -8.17
CA ILE A 366 25.79 13.21 -8.57
C ILE A 366 25.10 13.03 -9.90
N HIS A 367 24.60 14.09 -10.50
CA HIS A 367 23.87 13.99 -11.77
C HIS A 367 24.73 14.31 -12.97
N GLN A 368 26.11 14.51 -12.77
CA GLN A 368 27.09 14.67 -13.84
C GLN A 368 27.84 13.37 -14.12
N PRO A 369 28.35 13.19 -15.34
CA PRO A 369 29.29 12.10 -15.59
C PRO A 369 30.41 12.08 -14.56
N PHE A 370 30.70 10.89 -14.05
CA PHE A 370 31.44 10.76 -12.79
C PHE A 370 32.92 11.13 -12.96
N HIS A 371 33.47 11.81 -11.95
CA HIS A 371 34.91 12.05 -11.96
C HIS A 371 35.67 10.72 -11.83
N ALA A 372 36.93 10.74 -12.27
CA ALA A 372 37.83 9.63 -11.94
C ALA A 372 37.98 9.52 -10.43
N LYS A 373 38.02 8.28 -9.93
CA LYS A 373 38.17 8.02 -8.50
C LYS A 373 39.29 8.86 -7.89
N LEU A 374 38.99 9.47 -6.76
CA LEU A 374 39.88 10.40 -6.08
C LEU A 374 40.74 9.69 -5.03
N PHE A 375 40.11 8.81 -4.26
CA PHE A 375 40.67 8.14 -3.10
C PHE A 375 40.64 6.64 -3.33
N THR A 376 41.38 5.92 -2.51
CA THR A 376 41.30 4.47 -2.42
C THR A 376 40.46 4.08 -1.21
N SER A 377 40.10 2.80 -1.15
CA SER A 377 39.54 2.25 0.07
C SER A 377 40.43 2.55 1.27
N LYS A 378 41.75 2.44 1.09
CA LYS A 378 42.66 2.60 2.23
C LYS A 378 42.65 4.03 2.76
N GLU A 379 42.57 5.01 1.87
CA GLU A 379 42.45 6.39 2.31
C GLU A 379 41.04 6.77 2.80
N LEU A 380 40.02 5.96 2.48
CA LEU A 380 38.63 6.46 2.57
C LEU A 380 37.73 5.25 2.79
N THR A 381 37.57 4.88 4.07
CA THR A 381 36.64 3.82 4.50
C THR A 381 35.82 4.41 5.66
N VAL A 382 34.78 5.18 5.30
CA VAL A 382 34.17 6.09 6.25
C VAL A 382 32.93 5.47 6.86
N ALA A 383 32.58 6.04 8.01
CA ALA A 383 31.40 5.74 8.78
C ALA A 383 30.70 7.06 9.05
N TYR A 384 29.40 6.98 9.38
CA TYR A 384 28.61 8.18 9.45
C TYR A 384 27.54 8.03 10.52
N THR A 385 27.05 9.16 10.98
CA THR A 385 26.08 9.14 12.05
C THR A 385 25.09 10.28 11.87
N ASN A 386 23.83 10.01 12.24
CA ASN A 386 22.72 10.96 12.24
C ASN A 386 22.23 11.31 10.84
N TYR A 387 22.48 10.47 9.83
CA TYR A 387 22.00 10.71 8.48
C TYR A 387 20.89 9.70 8.20
N PHE A 388 19.68 10.20 7.96
CA PHE A 388 18.53 9.33 7.77
C PHE A 388 18.05 9.35 6.32
N GLY A 389 17.59 8.22 5.86
CA GLY A 389 16.77 8.22 4.66
C GLY A 389 17.62 8.62 3.48
N SER A 390 17.20 9.64 2.77
CA SER A 390 17.88 9.95 1.52
C SER A 390 19.28 10.52 1.75
N GLN A 391 19.50 11.21 2.87
CA GLN A 391 20.83 11.69 3.18
C GLN A 391 21.80 10.51 3.26
N ARG A 392 21.33 9.38 3.80
CA ARG A 392 22.08 8.14 3.82
C ARG A 392 22.42 7.67 2.41
N PHE A 393 21.40 7.56 1.56
CA PHE A 393 21.67 7.21 0.18
C PHE A 393 22.72 8.14 -0.40
N TYR A 394 22.66 9.41 -0.02
CA TYR A 394 23.54 10.40 -0.65
C TYR A 394 24.99 10.30 -0.17
N ILE A 395 25.25 10.13 1.13
CA ILE A 395 26.63 9.88 1.54
C ILE A 395 27.16 8.67 0.81
N GLN A 396 26.36 7.61 0.74
CA GLN A 396 26.83 6.39 0.13
C GLN A 396 27.20 6.62 -1.33
N ARG A 397 26.28 7.23 -2.10
CA ARG A 397 26.62 7.56 -3.49
C ARG A 397 27.92 8.37 -3.56
N LEU A 398 28.07 9.38 -2.69
CA LEU A 398 29.25 10.24 -2.73
C LEU A 398 30.54 9.47 -2.47
N VAL A 399 30.57 8.68 -1.39
CA VAL A 399 31.74 7.84 -1.09
C VAL A 399 32.06 6.95 -2.28
N GLU A 400 31.06 6.23 -2.82
CA GLU A 400 31.27 5.43 -4.03
C GLU A 400 32.00 6.21 -5.12
N ILE A 401 31.42 7.32 -5.56
CA ILE A 401 32.01 7.99 -6.71
C ILE A 401 33.29 8.70 -6.34
N LEU A 402 33.58 8.80 -5.05
CA LEU A 402 34.87 9.30 -4.60
C LEU A 402 35.91 8.19 -4.56
N GLY A 403 35.48 6.93 -4.57
CA GLY A 403 36.40 5.82 -4.61
C GLY A 403 36.59 5.08 -3.31
N GLY A 404 35.82 5.40 -2.28
CA GLY A 404 35.96 4.76 -0.98
C GLY A 404 34.82 3.81 -0.67
N LEU A 405 34.82 3.36 0.59
CA LEU A 405 33.81 2.46 1.11
C LEU A 405 33.12 3.12 2.30
N SER A 406 31.89 2.73 2.55
CA SER A 406 31.21 3.19 3.75
C SER A 406 30.70 1.99 4.53
N THR A 407 30.71 2.12 5.84
CA THR A 407 30.23 1.00 6.63
C THR A 407 29.09 1.43 7.54
N PRO A 408 28.17 0.52 7.84
CA PRO A 408 27.08 0.88 8.74
C PRO A 408 27.53 0.97 10.18
N GLU A 409 28.59 0.27 10.56
CA GLU A 409 29.09 0.25 11.93
C GLU A 409 30.43 0.98 11.99
N LEU A 410 30.67 1.69 13.09
CA LEU A 410 31.95 2.36 13.32
C LEU A 410 32.92 1.42 14.03
N THR A 411 34.03 1.08 13.36
CA THR A 411 35.07 0.26 13.97
C THR A 411 36.43 0.91 13.80
N ARG A 412 37.50 0.19 14.13
CA ARG A 412 38.81 0.79 13.92
C ARG A 412 39.28 0.61 12.48
N LYS A 413 38.57 -0.19 11.69
CA LYS A 413 38.80 -0.24 10.25
C LYS A 413 38.55 1.11 9.57
N ASN A 414 37.86 2.03 10.24
CA ASN A 414 37.41 3.24 9.58
C ASN A 414 38.49 4.31 9.58
N THR A 415 38.61 5.02 8.47
CA THR A 415 39.50 6.16 8.37
C THR A 415 38.85 7.47 8.81
N HIS A 416 37.54 7.64 8.58
CA HIS A 416 36.87 8.89 8.94
C HIS A 416 35.52 8.60 9.57
N LEU A 417 35.03 9.55 10.37
CA LEU A 417 33.63 9.64 10.74
C LEU A 417 33.05 10.93 10.17
N ILE A 418 31.97 10.81 9.40
CA ILE A 418 31.28 11.97 8.87
C ILE A 418 30.13 12.30 9.81
N THR A 419 30.00 13.58 10.15
CA THR A 419 29.00 13.97 11.13
C THR A 419 28.48 15.36 10.80
N LYS A 420 27.23 15.59 11.20
CA LYS A 420 26.53 16.87 11.15
C LYS A 420 26.56 17.59 12.48
N SER A 421 26.52 16.83 13.57
CA SER A 421 26.33 17.37 14.90
C SER A 421 27.23 16.65 15.89
N THR A 422 27.05 16.92 17.18
CA THR A 422 27.91 16.34 18.20
C THR A 422 27.23 15.26 19.03
N ILE A 423 26.03 14.82 18.66
CA ILE A 423 25.29 13.90 19.51
C ILE A 423 25.48 12.45 19.04
N GLY A 424 25.14 11.52 19.91
CA GLY A 424 25.23 10.11 19.58
C GLY A 424 26.53 9.53 20.09
N LYS A 425 26.49 8.28 20.54
CA LYS A 425 27.71 7.70 21.09
C LYS A 425 28.77 7.58 20.01
N LYS A 426 28.33 7.33 18.78
CA LYS A 426 29.23 7.15 17.64
C LYS A 426 30.20 8.32 17.51
N PHE A 427 29.70 9.55 17.66
CA PHE A 427 30.57 10.71 17.63
C PHE A 427 31.51 10.74 18.82
N LYS A 428 30.99 10.43 20.02
CA LYS A 428 31.82 10.51 21.22
C LYS A 428 32.97 9.52 21.17
N VAL A 429 32.68 8.29 20.76
CA VAL A 429 33.75 7.31 20.63
C VAL A 429 34.76 7.77 19.60
N ALA A 430 34.30 8.19 18.42
CA ALA A 430 35.23 8.54 17.36
C ALA A 430 35.97 9.83 17.66
N LYS A 431 35.33 10.77 18.37
CA LYS A 431 36.02 11.97 18.79
C LYS A 431 37.12 11.66 19.81
N LYS A 432 36.95 10.61 20.60
CA LYS A 432 37.99 10.17 21.53
C LYS A 432 39.16 9.56 20.78
N TRP A 433 38.88 8.67 19.82
CA TRP A 433 39.95 8.03 19.06
C TRP A 433 40.75 9.00 18.23
N SER A 434 40.20 10.18 17.92
CA SER A 434 40.92 11.14 17.08
C SER A 434 41.99 11.88 17.88
N LEU A 435 41.97 11.80 19.21
CA LEU A 435 42.98 12.46 20.02
C LEU A 435 44.27 11.68 20.04
N ASP A 436 44.23 10.41 19.69
CA ASP A 436 45.43 9.59 19.72
C ASP A 436 46.28 9.89 18.49
N PRO A 437 47.59 10.15 18.65
CA PRO A 437 48.43 10.31 17.44
C PRO A 437 48.62 9.01 16.65
N GLN A 438 48.41 7.85 17.26
CA GLN A 438 48.58 6.60 16.54
C GLN A 438 47.36 6.28 15.67
N ASN A 439 46.17 6.24 16.30
CA ASN A 439 44.91 5.99 15.62
C ASN A 439 44.70 6.93 14.44
N ALA A 440 44.43 8.21 14.75
CA ALA A 440 44.29 9.27 13.77
C ALA A 440 43.07 9.08 12.88
N ILE A 441 42.00 8.44 13.40
CA ILE A 441 40.73 8.55 12.68
C ILE A 441 40.33 10.01 12.69
N ILE A 442 39.75 10.47 11.59
CA ILE A 442 39.41 11.87 11.41
C ILE A 442 37.90 12.06 11.51
N VAL A 443 37.50 13.13 12.19
CA VAL A 443 36.11 13.49 12.39
C VAL A 443 35.89 14.75 11.57
N THR A 444 34.99 14.69 10.60
CA THR A 444 34.77 15.84 9.72
C THR A 444 33.33 15.85 9.24
N ASN A 445 32.86 17.00 8.76
CA ASN A 445 31.50 17.08 8.27
C ASN A 445 31.39 16.67 6.78
N HIS A 446 30.17 16.69 6.25
CA HIS A 446 29.94 16.13 4.92
C HIS A 446 30.41 17.06 3.83
N MET A 447 30.52 18.36 4.11
CA MET A 447 30.99 19.29 3.09
C MET A 447 32.41 19.02 2.67
N TRP A 448 33.19 18.31 3.49
CA TRP A 448 34.52 17.90 3.02
C TRP A 448 34.38 16.89 1.88
N LEU A 449 33.48 15.92 2.05
CA LEU A 449 33.19 14.98 0.96
C LEU A 449 32.70 15.72 -0.27
N GLU A 450 31.78 16.65 -0.08
CA GLU A 450 31.22 17.36 -1.21
C GLU A 450 32.24 18.25 -1.88
N GLN A 451 32.98 19.04 -1.11
CA GLN A 451 33.93 19.95 -1.75
C GLN A 451 35.09 19.19 -2.38
N CYS A 452 35.48 18.05 -1.82
CA CYS A 452 36.49 17.25 -2.48
C CYS A 452 36.06 16.89 -3.89
N TYR A 453 34.82 16.38 -4.01
CA TYR A 453 34.32 15.98 -5.32
C TYR A 453 34.21 17.18 -6.24
N MET A 454 33.63 18.28 -5.76
CA MET A 454 33.43 19.43 -6.64
C MET A 454 34.76 19.98 -7.14
N ASN A 455 35.73 20.12 -6.24
CA ASN A 455 37.04 20.58 -6.69
C ASN A 455 37.91 19.47 -7.26
N ASN A 456 37.48 18.20 -7.18
CA ASN A 456 38.28 17.07 -7.66
C ASN A 456 39.68 17.12 -7.04
N SER A 457 39.71 17.22 -5.71
CA SER A 457 40.93 17.48 -4.99
C SER A 457 40.83 16.91 -3.59
N LYS A 458 41.93 16.31 -3.13
CA LYS A 458 42.00 15.78 -1.77
C LYS A 458 42.24 16.97 -0.85
N LEU A 459 41.16 17.60 -0.41
CA LEU A 459 41.28 18.69 0.54
C LEU A 459 41.57 18.14 1.93
N ASN A 460 41.83 19.05 2.86
CA ASN A 460 42.27 18.68 4.20
C ASN A 460 41.08 18.69 5.15
N PRO A 461 40.71 17.56 5.76
CA PRO A 461 39.44 17.49 6.50
C PRO A 461 39.47 18.20 7.85
N LYS A 462 40.65 18.65 8.30
CA LYS A 462 40.76 19.41 9.54
C LYS A 462 40.66 20.91 9.30
N ASP A 463 40.40 21.32 8.06
CA ASP A 463 40.22 22.73 7.77
C ASP A 463 39.08 23.29 8.61
N SER A 464 39.07 24.61 8.71
CA SER A 464 38.07 25.28 9.55
C SER A 464 36.66 24.85 9.15
N ARG A 465 36.36 24.96 7.85
CA ARG A 465 35.00 24.81 7.38
C ARG A 465 34.51 23.37 7.54
N PHE A 466 35.40 22.41 7.49
CA PHE A 466 35.00 21.02 7.62
C PHE A 466 35.06 20.53 9.05
N GLN A 467 35.24 21.43 10.01
CA GLN A 467 35.12 21.07 11.42
C GLN A 467 33.87 21.67 12.04
N ASN A 468 33.03 22.31 11.23
CA ASN A 468 31.75 22.87 11.67
C ASN A 468 30.77 21.74 11.91
N PHE A 469 30.46 21.46 13.16
CA PHE A 469 29.48 20.46 13.56
C PHE A 469 28.23 21.13 14.11
N LYS A 470 27.91 22.31 13.59
CA LYS A 470 26.68 23.01 13.88
C LYS A 470 25.96 23.33 12.58
N LEU A 471 25.98 22.38 11.63
CA LEU A 471 25.36 22.58 10.32
C LEU A 471 23.84 22.70 10.42
N ASP A 472 23.24 22.06 11.42
CA ASP A 472 21.79 22.10 11.56
C ASP A 472 21.26 23.51 11.80
N ASP A 473 22.09 24.45 12.25
CA ASP A 473 21.60 25.82 12.46
C ASP A 473 21.17 26.50 11.17
N ASN A 474 21.54 25.95 10.01
CA ASN A 474 21.15 26.54 8.73
C ASN A 474 20.78 25.41 7.79
N MET A 475 19.67 25.60 7.06
CA MET A 475 19.16 24.53 6.23
C MET A 475 19.95 24.41 4.93
N GLY A 476 20.51 25.51 4.45
CA GLY A 476 21.42 25.48 3.33
C GLY A 476 22.66 24.63 3.53
N TRP A 477 22.96 24.20 4.77
CA TRP A 477 24.11 23.32 4.94
C TRP A 477 23.72 21.84 4.80
N ASN A 478 22.45 21.55 4.49
CA ASN A 478 22.02 20.18 4.25
C ASN A 478 22.89 19.52 3.19
N ILE A 479 23.31 18.29 3.49
CA ILE A 479 24.08 17.55 2.51
C ILE A 479 23.31 17.52 1.19
N GLY A 480 24.03 17.74 0.10
CA GLY A 480 23.44 17.74 -1.21
C GLY A 480 23.23 19.11 -1.80
N GLN A 481 23.29 20.17 -0.99
CA GLN A 481 23.14 21.51 -1.55
C GLN A 481 24.43 22.01 -2.22
N ILE A 482 25.60 21.54 -1.82
CA ILE A 482 26.84 22.04 -2.40
C ILE A 482 26.94 21.59 -3.85
N GLY A 483 27.13 22.56 -4.75
CA GLY A 483 27.14 22.29 -6.17
C GLY A 483 25.84 22.66 -6.83
N MET A 484 24.86 23.11 -6.07
CA MET A 484 23.64 23.62 -6.67
C MET A 484 23.75 25.12 -6.87
N SER B 2 -9.77 1.05 -31.30
CA SER B 2 -10.81 0.04 -31.41
C SER B 2 -11.99 0.34 -30.47
N THR B 3 -13.09 -0.38 -30.66
CA THR B 3 -14.36 -0.13 -29.99
C THR B 3 -14.97 -1.44 -29.51
N SER B 4 -16.02 -1.34 -28.72
CA SER B 4 -16.62 -2.50 -28.07
C SER B 4 -17.98 -2.10 -27.50
N LEU B 5 -18.66 -3.09 -26.92
CA LEU B 5 -19.93 -2.90 -26.22
C LEU B 5 -19.81 -3.18 -24.73
N LEU B 6 -18.57 -3.31 -24.22
CA LEU B 6 -18.35 -3.90 -22.89
C LEU B 6 -19.09 -3.14 -21.80
N PHE B 7 -19.09 -1.81 -21.87
CA PHE B 7 -19.59 -0.98 -20.77
C PHE B 7 -20.99 -0.47 -21.02
N GLU B 8 -21.81 -1.22 -21.76
CA GLU B 8 -23.12 -0.76 -22.14
C GLU B 8 -24.00 -0.57 -20.91
N GLN B 9 -24.72 0.55 -20.88
CA GLN B 9 -25.70 0.87 -19.84
C GLN B 9 -25.04 1.15 -18.49
N LEU B 10 -23.77 1.52 -18.47
CA LEU B 10 -23.03 1.69 -17.22
C LEU B 10 -22.73 3.17 -16.97
N ASN B 11 -23.08 3.64 -15.77
CA ASN B 11 -22.71 4.97 -15.31
C ASN B 11 -21.29 4.99 -14.75
N PHE B 12 -20.65 6.16 -14.81
CA PHE B 12 -19.26 6.29 -14.39
C PHE B 12 -19.03 7.69 -13.87
N LEU B 13 -18.43 7.81 -12.68
CA LEU B 13 -18.01 9.09 -12.12
C LEU B 13 -16.50 9.07 -11.90
N ILE B 14 -15.78 9.70 -12.82
CA ILE B 14 -14.35 9.97 -12.65
C ILE B 14 -14.20 11.15 -11.70
N LEU B 15 -13.42 10.96 -10.63
CA LEU B 15 -13.05 12.03 -9.72
C LEU B 15 -11.61 12.43 -10.01
N VAL B 16 -11.37 13.73 -10.18
CA VAL B 16 -10.04 14.25 -10.49
C VAL B 16 -9.57 15.02 -9.26
N ALA B 17 -8.43 14.59 -8.72
CA ALA B 17 -7.95 15.19 -7.48
C ALA B 17 -7.08 16.41 -7.73
N ALA B 18 -6.38 16.48 -8.85
CA ALA B 18 -5.44 17.56 -9.13
C ALA B 18 -5.51 17.93 -10.60
N GLU B 19 -5.07 19.16 -10.89
CA GLU B 19 -4.93 19.57 -12.29
C GLU B 19 -4.05 18.60 -13.07
N ALA B 20 -2.94 18.16 -12.47
CA ALA B 20 -2.01 17.30 -13.21
C ALA B 20 -2.63 15.98 -13.65
N GLU B 21 -3.80 15.63 -13.09
CA GLU B 21 -4.50 14.40 -13.40
C GLU B 21 -5.53 14.53 -14.51
N LEU B 22 -5.83 15.74 -14.97
CA LEU B 22 -6.76 15.89 -16.08
C LEU B 22 -6.32 15.15 -17.35
N PRO B 23 -5.03 15.05 -17.72
CA PRO B 23 -4.68 14.19 -18.86
C PRO B 23 -5.16 12.75 -18.75
N ILE B 24 -5.19 12.17 -17.55
CA ILE B 24 -5.72 10.81 -17.42
C ILE B 24 -7.22 10.78 -17.13
N ALA B 25 -7.79 11.87 -16.62
CA ALA B 25 -9.25 11.91 -16.45
C ALA B 25 -9.96 11.89 -17.80
N HIS B 26 -9.42 12.62 -18.78
CA HIS B 26 -9.95 12.57 -20.14
C HIS B 26 -9.48 11.33 -20.88
N SER B 27 -8.26 10.86 -20.57
CA SER B 27 -7.76 9.67 -21.23
C SER B 27 -8.60 8.44 -20.88
N THR B 28 -9.25 8.45 -19.72
CA THR B 28 -10.11 7.35 -19.27
C THR B 28 -11.53 7.48 -19.79
N ARG B 29 -12.10 8.70 -19.77
CA ARG B 29 -13.41 8.91 -20.36
C ARG B 29 -13.46 8.43 -21.81
N LYS B 30 -12.39 8.63 -22.59
CA LYS B 30 -12.38 8.21 -23.99
C LYS B 30 -12.49 6.68 -24.11
N LEU B 31 -11.70 5.94 -23.34
CA LEU B 31 -11.81 4.48 -23.38
C LEU B 31 -13.14 3.99 -22.81
N LEU B 32 -13.78 4.81 -21.97
CA LEU B 32 -15.10 4.45 -21.46
C LEU B 32 -16.17 4.66 -22.54
N MET B 33 -16.16 5.83 -23.18
CA MET B 33 -17.14 6.11 -24.23
C MET B 33 -16.89 5.26 -25.48
N ASP B 34 -15.63 5.05 -25.86
CA ASP B 34 -15.30 4.25 -27.03
C ASP B 34 -15.86 2.84 -26.92
N ASN B 35 -15.97 2.30 -25.71
CA ASN B 35 -16.47 0.95 -25.45
C ASN B 35 -17.90 1.00 -24.93
N SER B 36 -18.66 1.99 -25.38
CA SER B 36 -20.12 1.98 -25.34
C SER B 36 -20.64 2.14 -23.92
N CYS B 37 -20.38 3.30 -23.32
CA CYS B 37 -20.89 3.53 -21.98
C CYS B 37 -22.01 4.56 -22.02
N ASN B 38 -22.78 4.57 -20.93
CA ASN B 38 -24.06 5.25 -20.83
C ASN B 38 -23.96 6.67 -20.30
N ASN B 39 -23.05 6.93 -19.38
CA ASN B 39 -22.98 8.24 -18.75
C ASN B 39 -21.62 8.26 -18.07
N CYS B 40 -20.84 9.35 -18.28
CA CYS B 40 -19.46 9.41 -17.78
C CYS B 40 -19.15 10.84 -17.35
N GLN B 41 -19.51 11.16 -16.09
CA GLN B 41 -19.27 12.49 -15.56
C GLN B 41 -17.83 12.60 -15.07
N ILE B 42 -17.29 13.83 -15.15
CA ILE B 42 -16.00 14.17 -14.59
C ILE B 42 -16.23 15.20 -13.51
N TYR B 43 -15.51 15.09 -12.40
CA TYR B 43 -15.73 15.95 -11.24
C TYR B 43 -14.40 16.24 -10.56
N GLU B 44 -14.12 17.53 -10.38
CA GLU B 44 -12.82 18.00 -9.90
C GLU B 44 -12.97 18.38 -8.44
N LEU B 45 -12.13 17.78 -7.62
CA LEU B 45 -12.16 18.11 -6.21
C LEU B 45 -11.37 19.38 -5.96
N TYR B 46 -10.46 19.72 -6.87
CA TYR B 46 -9.55 20.84 -6.68
C TYR B 46 -10.13 22.17 -7.14
N ASN B 47 -11.45 22.26 -7.32
CA ASN B 47 -12.03 23.53 -7.75
C ASN B 47 -13.44 23.78 -7.21
N GLU B 48 -13.97 22.91 -6.36
CA GLU B 48 -15.34 23.05 -5.89
C GLU B 48 -15.41 23.55 -4.45
N ASN B 49 -16.60 24.05 -4.10
CA ASN B 49 -16.83 24.76 -2.84
C ASN B 49 -17.31 23.78 -1.77
N LEU B 50 -16.37 22.97 -1.28
CA LEU B 50 -16.71 21.90 -0.34
C LEU B 50 -16.12 22.17 1.04
N LYS B 51 -16.36 21.23 1.96
CA LYS B 51 -16.01 21.35 3.38
C LYS B 51 -16.70 22.53 4.04
N ASP B 52 -17.83 22.93 3.49
CA ASP B 52 -18.66 24.01 3.99
C ASP B 52 -20.09 23.56 3.77
N VAL B 53 -20.37 23.15 2.53
CA VAL B 53 -21.53 22.33 2.25
C VAL B 53 -21.27 20.93 2.78
N LYS B 54 -22.34 20.23 3.16
CA LYS B 54 -22.24 18.90 3.76
C LYS B 54 -22.57 17.82 2.73
N THR B 55 -21.58 16.98 2.44
CA THR B 55 -21.68 15.93 1.42
C THR B 55 -22.17 14.65 2.08
N ASP B 56 -23.47 14.60 2.34
CA ASP B 56 -24.08 13.44 2.95
C ASP B 56 -24.90 12.70 1.88
N LYS B 57 -25.79 11.80 2.33
CA LYS B 57 -26.49 10.94 1.39
C LYS B 57 -27.39 11.75 0.44
N ASP B 58 -28.32 12.53 1.02
CA ASP B 58 -29.25 13.35 0.24
C ASP B 58 -28.50 14.21 -0.77
N TRP B 59 -27.40 14.83 -0.34
CA TRP B 59 -26.63 15.70 -1.22
C TRP B 59 -26.12 14.95 -2.45
N PHE B 60 -25.62 13.73 -2.24
CA PHE B 60 -25.10 12.95 -3.35
C PHE B 60 -26.20 12.64 -4.37
N MET B 61 -27.41 12.34 -3.89
CA MET B 61 -28.49 11.94 -4.79
C MET B 61 -28.91 13.09 -5.71
N ASN B 62 -29.03 14.30 -5.14
CA ASN B 62 -29.53 15.46 -5.88
C ASN B 62 -28.50 16.05 -6.82
N LYS B 63 -27.33 15.42 -6.95
CA LYS B 63 -26.24 15.96 -7.75
C LYS B 63 -25.85 15.04 -8.90
N PHE B 64 -25.44 13.82 -8.61
CA PHE B 64 -24.98 12.91 -9.66
C PHE B 64 -26.07 11.98 -10.16
N GLY B 65 -27.29 12.05 -9.62
CA GLY B 65 -28.32 11.09 -9.95
C GLY B 65 -29.64 11.74 -10.34
N PRO B 66 -30.78 11.15 -9.91
CA PRO B 66 -30.89 9.92 -9.11
C PRO B 66 -30.65 8.61 -9.88
N GLN B 67 -30.07 8.68 -11.07
CA GLN B 67 -29.55 7.47 -11.73
C GLN B 67 -28.50 6.81 -10.86
N THR B 68 -28.33 5.51 -11.03
CA THR B 68 -27.36 4.75 -10.24
C THR B 68 -25.98 4.84 -10.89
N VAL B 69 -25.04 5.48 -10.20
CA VAL B 69 -23.64 5.35 -10.57
C VAL B 69 -23.16 3.96 -10.16
N HIS B 70 -22.64 3.20 -11.13
CA HIS B 70 -22.11 1.87 -10.82
C HIS B 70 -20.63 1.89 -10.50
N PHE B 71 -19.92 2.98 -10.77
CA PHE B 71 -18.49 3.02 -10.53
C PHE B 71 -18.07 4.46 -10.28
N VAL B 72 -17.29 4.68 -9.25
CA VAL B 72 -16.59 5.94 -9.07
C VAL B 72 -15.12 5.65 -9.28
N ILE B 73 -14.55 6.14 -10.38
CA ILE B 73 -13.14 5.91 -10.67
C ILE B 73 -12.29 6.96 -9.95
N SER B 74 -11.35 6.47 -9.13
CA SER B 74 -10.51 7.37 -8.35
C SER B 74 -9.26 6.63 -7.90
N ASN B 75 -8.16 7.36 -7.84
CA ASN B 75 -6.97 6.81 -7.23
C ASN B 75 -6.76 7.31 -5.81
N THR B 76 -7.72 8.05 -5.25
CA THR B 76 -7.73 8.43 -3.84
C THR B 76 -9.09 8.17 -3.20
N ILE B 77 -9.07 7.92 -1.89
CA ILE B 77 -10.27 7.98 -1.06
C ILE B 77 -10.41 9.33 -0.34
N ASN B 78 -9.42 10.22 -0.45
CA ASN B 78 -9.48 11.51 0.23
C ASN B 78 -10.49 12.45 -0.43
N PHE B 79 -11.79 12.13 -0.30
CA PHE B 79 -12.84 13.10 -0.65
C PHE B 79 -14.00 12.91 0.33
N PRO B 80 -14.72 13.99 0.67
CA PRO B 80 -15.62 13.93 1.83
C PRO B 80 -16.89 13.18 1.58
N PHE B 81 -17.08 12.59 0.41
CA PHE B 81 -18.23 11.72 0.25
C PHE B 81 -17.81 10.29 -0.08
N TYR B 82 -16.61 9.88 0.37
CA TYR B 82 -16.18 8.49 0.20
C TYR B 82 -17.00 7.52 1.03
N LYS B 83 -17.28 7.84 2.29
CA LYS B 83 -18.02 6.88 3.11
C LYS B 83 -19.41 6.61 2.53
N ILE B 84 -20.14 7.67 2.20
CA ILE B 84 -21.49 7.53 1.68
C ILE B 84 -21.52 6.61 0.44
N VAL B 85 -20.58 6.83 -0.48
CA VAL B 85 -20.46 6.04 -1.70
C VAL B 85 -20.16 4.57 -1.39
N TYR B 86 -19.13 4.34 -0.58
CA TYR B 86 -18.58 3.02 -0.36
C TYR B 86 -19.41 2.22 0.64
N PHE B 87 -19.66 2.81 1.81
CA PHE B 87 -20.27 2.05 2.89
C PHE B 87 -21.79 2.09 2.84
N ASP B 88 -22.38 3.21 2.45
CA ASP B 88 -23.85 3.28 2.40
C ASP B 88 -24.40 2.83 1.05
N LEU B 89 -24.01 3.49 -0.04
CA LEU B 89 -24.54 3.14 -1.35
C LEU B 89 -23.99 1.84 -1.89
N LEU B 90 -22.83 1.38 -1.42
CA LEU B 90 -22.24 0.13 -1.89
C LEU B 90 -21.83 0.22 -3.35
N ILE B 91 -21.32 1.39 -3.77
CA ILE B 91 -20.77 1.60 -5.10
C ILE B 91 -19.26 1.37 -5.05
N PRO B 92 -18.66 0.65 -6.00
CA PRO B 92 -17.20 0.49 -6.00
C PRO B 92 -16.49 1.80 -6.30
N VAL B 93 -15.27 1.93 -5.77
CA VAL B 93 -14.36 3.02 -6.09
C VAL B 93 -13.08 2.36 -6.55
N VAL B 94 -12.70 2.59 -7.79
CA VAL B 94 -11.63 1.83 -8.43
C VAL B 94 -10.68 2.77 -9.15
N SER B 95 -9.45 2.31 -9.35
CA SER B 95 -8.43 3.14 -9.98
C SER B 95 -8.66 3.27 -11.49
N HIS B 96 -7.85 4.13 -12.11
CA HIS B 96 -7.89 4.20 -13.56
C HIS B 96 -7.47 2.89 -14.19
N THR B 97 -6.58 2.13 -13.53
CA THR B 97 -6.09 0.90 -14.13
C THR B 97 -7.20 -0.13 -14.29
N TRP B 98 -8.25 -0.05 -13.49
CA TRP B 98 -9.38 -0.96 -13.69
C TRP B 98 -9.96 -0.79 -15.10
N VAL B 99 -10.14 0.46 -15.53
CA VAL B 99 -10.71 0.67 -16.85
C VAL B 99 -9.83 0.02 -17.91
N GLN B 100 -8.52 0.17 -17.79
CA GLN B 100 -7.63 -0.38 -18.80
C GLN B 100 -7.59 -1.90 -18.75
N ASP B 101 -7.44 -2.46 -17.54
CA ASP B 101 -7.43 -3.93 -17.39
C ASP B 101 -8.76 -4.54 -17.83
N SER B 102 -9.88 -3.87 -17.52
CA SER B 102 -11.16 -4.40 -17.94
C SER B 102 -11.26 -4.43 -19.45
N VAL B 103 -11.03 -3.27 -20.08
CA VAL B 103 -11.01 -3.19 -21.54
C VAL B 103 -10.10 -4.26 -22.14
N LYS B 104 -8.90 -4.45 -21.58
CA LYS B 104 -7.90 -5.30 -22.23
C LYS B 104 -8.33 -6.77 -22.24
N THR B 105 -9.02 -7.22 -21.18
CA THR B 105 -9.54 -8.59 -21.07
C THR B 105 -11.00 -8.71 -21.47
N LYS B 106 -11.68 -7.60 -21.71
CA LYS B 106 -13.05 -7.61 -22.22
C LYS B 106 -14.01 -8.24 -21.20
N ARG B 107 -14.01 -7.67 -20.01
CA ARG B 107 -14.89 -8.07 -18.92
C ARG B 107 -14.76 -7.07 -17.80
N HIS B 108 -15.89 -6.79 -17.14
CA HIS B 108 -15.83 -5.99 -15.93
C HIS B 108 -15.11 -6.82 -14.87
N LEU B 109 -13.90 -6.42 -14.52
CA LEU B 109 -13.11 -7.21 -13.58
C LEU B 109 -13.60 -7.02 -12.16
N ARG B 110 -13.43 -8.08 -11.36
CA ARG B 110 -13.53 -7.99 -9.90
C ARG B 110 -12.83 -6.72 -9.41
N THR B 111 -13.55 -5.95 -8.59
CA THR B 111 -13.10 -4.60 -8.28
C THR B 111 -12.25 -4.48 -7.04
N ASN B 112 -12.29 -5.48 -6.15
CA ASN B 112 -11.53 -5.42 -4.89
C ASN B 112 -10.08 -5.03 -5.11
N MET B 113 -9.45 -5.62 -6.14
CA MET B 113 -8.02 -5.41 -6.38
C MET B 113 -7.68 -3.94 -6.56
N TYR B 114 -8.56 -3.17 -7.17
CA TYR B 114 -8.24 -1.84 -7.65
C TYR B 114 -8.71 -0.78 -6.69
N SER B 115 -8.99 -1.17 -5.46
CA SER B 115 -9.50 -0.23 -4.49
C SER B 115 -8.36 0.70 -4.08
N PRO B 116 -8.55 2.03 -4.11
CA PRO B 116 -7.49 2.92 -3.65
C PRO B 116 -7.43 3.06 -2.12
N ASN B 117 -8.32 2.44 -1.36
CA ASN B 117 -8.29 2.57 0.09
C ASN B 117 -7.07 1.82 0.64
N PRO B 118 -6.17 2.49 1.39
CA PRO B 118 -4.97 1.80 1.87
C PRO B 118 -5.19 0.98 3.13
N PHE B 119 -6.39 1.05 3.72
CA PHE B 119 -6.82 0.08 4.72
C PHE B 119 -7.13 -1.28 4.10
N HIS B 120 -7.39 -1.35 2.79
CA HIS B 120 -7.75 -2.62 2.18
C HIS B 120 -6.54 -3.53 1.93
N LEU B 121 -5.90 -3.96 3.03
CA LEU B 121 -4.65 -4.70 2.93
C LEU B 121 -4.84 -6.11 2.36
N LEU B 122 -6.02 -6.70 2.52
CA LEU B 122 -6.27 -8.04 2.01
C LEU B 122 -6.92 -8.00 0.64
N ARG B 123 -6.89 -6.82 -0.01
CA ARG B 123 -7.59 -6.57 -1.26
C ARG B 123 -7.23 -7.64 -2.29
N ASP B 124 -6.08 -8.28 -2.11
CA ASP B 124 -5.58 -9.25 -3.07
C ASP B 124 -5.78 -10.69 -2.60
N CYS B 125 -6.71 -10.92 -1.67
CA CYS B 125 -6.87 -12.23 -1.06
C CYS B 125 -8.26 -12.80 -1.36
N GLN B 126 -8.28 -14.07 -1.77
CA GLN B 126 -9.50 -14.85 -1.93
C GLN B 126 -9.57 -15.81 -0.76
N VAL B 127 -10.41 -15.51 0.22
CA VAL B 127 -10.35 -16.12 1.55
C VAL B 127 -11.55 -17.03 1.78
N TYR B 128 -11.28 -18.30 2.05
CA TYR B 128 -12.29 -19.29 2.45
C TYR B 128 -12.28 -19.38 3.96
N ILE B 129 -13.28 -18.79 4.61
CA ILE B 129 -13.45 -18.90 6.06
C ILE B 129 -14.26 -20.16 6.31
N SER B 130 -13.62 -21.18 6.88
CA SER B 130 -14.24 -22.50 6.91
C SER B 130 -15.28 -22.55 8.02
N LYS B 131 -16.53 -22.78 7.62
CA LYS B 131 -17.61 -22.75 8.60
C LYS B 131 -17.48 -23.87 9.62
N SER B 132 -16.90 -25.00 9.24
CA SER B 132 -16.78 -26.11 10.19
C SER B 132 -15.82 -25.79 11.31
N SER B 133 -15.09 -24.69 11.21
CA SER B 133 -14.10 -24.29 12.19
C SER B 133 -14.66 -23.34 13.25
N PHE B 134 -15.87 -22.82 13.07
CA PHE B 134 -16.32 -21.69 13.87
C PHE B 134 -17.79 -21.79 14.22
N ASN B 135 -18.14 -21.22 15.35
CA ASN B 135 -19.53 -20.92 15.63
C ASN B 135 -20.05 -19.89 14.64
N LYS B 136 -21.36 -19.94 14.38
CA LYS B 136 -21.97 -18.98 13.47
C LYS B 136 -21.53 -17.58 13.80
N CYS B 137 -21.56 -17.21 15.08
CA CYS B 137 -21.28 -15.82 15.39
C CYS B 137 -19.82 -15.49 15.11
N GLU B 138 -18.90 -16.44 15.27
CA GLU B 138 -17.50 -16.12 15.01
C GLU B 138 -17.26 -15.96 13.52
N TYR B 139 -17.92 -16.79 12.71
CA TYR B 139 -17.81 -16.66 11.26
C TYR B 139 -18.24 -15.28 10.79
N ILE B 140 -19.34 -14.77 11.37
CA ILE B 140 -19.88 -13.50 10.91
C ILE B 140 -18.87 -12.39 11.19
N LEU B 141 -18.33 -12.33 12.41
CA LEU B 141 -17.32 -11.32 12.76
C LEU B 141 -16.11 -11.39 11.84
N TYR B 142 -15.51 -12.57 11.70
CA TYR B 142 -14.38 -12.69 10.80
C TYR B 142 -14.74 -12.21 9.38
N SER B 143 -15.97 -12.49 8.93
CA SER B 143 -16.39 -12.08 7.59
C SER B 143 -16.49 -10.57 7.50
N ASP B 144 -17.18 -9.95 8.46
CA ASP B 144 -17.25 -8.50 8.51
C ASP B 144 -15.87 -7.88 8.33
N LEU B 145 -14.89 -8.34 9.12
CA LEU B 145 -13.58 -7.71 9.12
C LEU B 145 -12.77 -8.08 7.90
N LEU B 146 -12.93 -9.30 7.38
CA LEU B 146 -12.36 -9.62 6.07
C LEU B 146 -12.87 -8.64 5.03
N HIS B 147 -14.18 -8.34 5.09
CA HIS B 147 -14.76 -7.38 4.17
C HIS B 147 -14.13 -6.01 4.36
N LEU B 148 -13.87 -5.61 5.62
CA LEU B 148 -13.36 -4.26 5.85
C LEU B 148 -11.92 -4.11 5.41
N LEU B 149 -11.17 -5.21 5.29
CA LEU B 149 -9.82 -5.19 4.73
C LEU B 149 -9.83 -5.34 3.22
N GLY B 150 -11.05 -5.33 2.63
CA GLY B 150 -11.21 -5.35 1.18
C GLY B 150 -10.97 -6.70 0.55
N GLY B 151 -10.95 -7.76 1.35
CA GLY B 151 -10.83 -9.09 0.82
C GLY B 151 -12.14 -9.67 0.29
N THR B 152 -12.01 -10.67 -0.58
CA THR B 152 -13.12 -11.35 -1.21
C THR B 152 -13.38 -12.64 -0.46
N LEU B 153 -14.57 -12.75 0.12
CA LEU B 153 -15.01 -13.97 0.77
C LEU B 153 -15.43 -15.00 -0.27
N VAL B 154 -15.02 -16.25 -0.08
CA VAL B 154 -15.47 -17.35 -0.92
C VAL B 154 -15.86 -18.50 -0.02
N ASN B 155 -16.91 -19.23 -0.41
CA ASN B 155 -17.33 -20.41 0.33
C ASN B 155 -16.97 -21.70 -0.40
N TYR B 156 -16.01 -21.62 -1.32
CA TYR B 156 -15.55 -22.75 -2.11
C TYR B 156 -14.04 -22.67 -2.23
N ILE B 157 -13.43 -23.82 -2.49
CA ILE B 157 -11.98 -23.92 -2.58
C ILE B 157 -11.61 -24.23 -4.03
N SER B 158 -10.68 -23.44 -4.56
CA SER B 158 -10.29 -23.56 -5.96
C SER B 158 -8.80 -23.24 -6.07
N ASN B 159 -8.32 -23.17 -7.30
CA ASN B 159 -6.91 -22.88 -7.51
C ASN B 159 -6.55 -21.43 -7.18
N ARG B 160 -7.51 -20.52 -7.29
CA ARG B 160 -7.25 -19.12 -6.98
C ARG B 160 -7.53 -18.79 -5.52
N THR B 161 -7.93 -19.78 -4.73
CA THR B 161 -8.04 -19.62 -3.28
C THR B 161 -6.67 -19.33 -2.67
N THR B 162 -6.55 -18.21 -1.96
CA THR B 162 -5.27 -17.82 -1.37
C THR B 162 -5.12 -18.19 0.10
N HIS B 163 -6.18 -18.10 0.90
CA HIS B 163 -6.11 -18.36 2.33
C HIS B 163 -7.34 -19.14 2.79
N VAL B 164 -7.09 -20.09 3.68
CA VAL B 164 -8.12 -20.91 4.30
C VAL B 164 -8.00 -20.70 5.79
N ILE B 165 -9.05 -20.15 6.40
CA ILE B 165 -9.02 -19.84 7.83
C ILE B 165 -9.48 -21.06 8.63
N VAL B 166 -8.69 -21.42 9.65
CA VAL B 166 -9.06 -22.48 10.58
C VAL B 166 -8.85 -21.97 11.98
N GLN B 167 -9.51 -22.66 12.94
CA GLN B 167 -9.29 -22.36 14.34
C GLN B 167 -8.11 -23.15 14.89
N SER B 168 -7.94 -24.41 14.47
CA SER B 168 -7.00 -25.31 15.10
C SER B 168 -6.75 -26.50 14.19
N PRO B 169 -5.67 -27.26 14.43
CA PRO B 169 -5.39 -28.43 13.58
C PRO B 169 -6.41 -29.56 13.69
N GLN B 170 -7.40 -29.47 14.56
CA GLN B 170 -8.39 -30.53 14.59
C GLN B 170 -9.52 -30.32 13.59
N ASP B 171 -9.54 -29.17 12.92
CA ASP B 171 -10.66 -28.79 12.09
C ASP B 171 -10.73 -29.68 10.86
N PRO B 172 -11.86 -30.30 10.56
CA PRO B 172 -11.87 -31.42 9.62
C PRO B 172 -11.55 -31.03 8.20
N ILE B 173 -11.54 -29.74 7.86
CA ILE B 173 -11.37 -29.40 6.45
C ILE B 173 -9.95 -29.64 5.99
N ILE B 174 -8.98 -29.54 6.90
CA ILE B 174 -7.60 -29.89 6.56
C ILE B 174 -7.57 -31.21 5.79
N ALA B 175 -8.25 -32.22 6.33
CA ALA B 175 -8.23 -33.56 5.77
C ALA B 175 -8.83 -33.59 4.37
N THR B 176 -10.08 -33.10 4.24
CA THR B 176 -10.72 -33.10 2.92
C THR B 176 -9.87 -32.36 1.88
N VAL B 177 -9.13 -31.32 2.27
CA VAL B 177 -8.23 -30.68 1.33
C VAL B 177 -7.14 -31.66 0.87
N SER B 178 -6.68 -32.50 1.77
CA SER B 178 -5.73 -33.55 1.40
C SER B 178 -6.47 -34.79 0.89
N TRP B 201 -2.32 -22.34 -1.74
CA TRP B 201 -3.09 -21.69 -0.67
C TRP B 201 -2.47 -21.96 0.71
N LYS B 202 -2.70 -21.05 1.65
CA LYS B 202 -2.10 -21.13 2.99
C LYS B 202 -3.19 -21.20 4.06
N PHE B 203 -3.10 -22.20 4.94
CA PHE B 203 -4.01 -22.28 6.09
C PHE B 203 -3.49 -21.37 7.20
N VAL B 204 -4.40 -20.56 7.78
CA VAL B 204 -4.03 -19.65 8.85
C VAL B 204 -5.12 -19.60 9.93
N TYR B 205 -4.69 -19.25 11.15
CA TYR B 205 -5.56 -18.96 12.28
C TYR B 205 -6.18 -17.60 12.07
N PRO B 206 -7.29 -17.31 12.76
CA PRO B 206 -7.99 -16.03 12.54
C PRO B 206 -7.19 -14.80 12.89
N ILE B 207 -6.09 -14.92 13.61
CA ILE B 207 -5.36 -13.69 13.95
C ILE B 207 -4.75 -13.07 12.69
N TRP B 208 -4.48 -13.89 11.66
CA TRP B 208 -4.05 -13.38 10.36
C TRP B 208 -4.95 -12.25 9.86
N ILE B 209 -6.27 -12.38 10.05
CA ILE B 209 -7.18 -11.30 9.74
C ILE B 209 -7.08 -10.19 10.79
N LEU B 210 -7.31 -10.55 12.05
CA LEU B 210 -7.39 -9.54 13.11
C LEU B 210 -6.11 -8.72 13.22
N TYR B 211 -4.95 -9.30 12.89
CA TYR B 211 -3.72 -8.50 12.88
C TYR B 211 -3.79 -7.38 11.85
N HIS B 212 -4.13 -7.71 10.59
CA HIS B 212 -4.17 -6.67 9.57
C HIS B 212 -5.15 -5.56 9.96
N PHE B 213 -6.30 -5.93 10.50
CA PHE B 213 -7.26 -4.95 11.01
C PHE B 213 -6.65 -4.10 12.10
N LYS B 214 -5.98 -4.75 13.06
CA LYS B 214 -5.59 -4.09 14.30
C LYS B 214 -4.39 -3.20 14.10
N MET B 215 -3.38 -3.70 13.40
CA MET B 215 -2.16 -2.93 13.19
C MET B 215 -2.19 -2.09 11.93
N ALA B 216 -3.12 -2.38 11.01
CA ALA B 216 -3.20 -1.64 9.74
C ALA B 216 -1.87 -1.70 9.00
N LYS B 217 -1.25 -2.87 8.99
CA LYS B 217 -0.07 -3.10 8.16
C LYS B 217 0.10 -4.60 7.98
N PRO B 218 0.81 -5.03 6.93
CA PRO B 218 0.93 -6.47 6.66
C PRO B 218 1.67 -7.23 7.76
N LEU B 219 1.33 -8.52 7.84
CA LEU B 219 2.11 -9.50 8.59
C LEU B 219 3.33 -9.90 7.78
N LYS B 220 4.50 -9.88 8.41
CA LYS B 220 5.72 -10.11 7.63
C LYS B 220 6.70 -11.07 8.30
N GLY B 221 7.07 -10.81 9.54
CA GLY B 221 8.20 -11.52 10.06
C GLY B 221 7.82 -12.77 10.81
N GLU B 222 8.31 -12.86 12.04
CA GLU B 222 7.96 -13.98 12.88
C GLU B 222 6.49 -13.95 13.28
N LEU B 223 5.85 -12.77 13.29
CA LEU B 223 4.42 -12.72 13.58
C LEU B 223 3.62 -13.47 12.53
N ALA B 224 3.97 -13.31 11.25
CA ALA B 224 3.28 -14.04 10.19
C ALA B 224 3.48 -15.55 10.33
N THR B 225 4.60 -15.95 10.94
CA THR B 225 4.87 -17.37 11.13
C THR B 225 4.02 -17.93 12.26
N LEU B 226 3.69 -17.11 13.27
CA LEU B 226 2.78 -17.57 14.29
C LEU B 226 1.37 -17.76 13.76
N CYS B 227 0.98 -17.03 12.72
CA CYS B 227 -0.42 -17.11 12.36
C CYS B 227 -0.74 -18.35 11.55
N GLU B 228 0.26 -19.01 11.00
CA GLU B 228 -0.08 -20.08 10.09
C GLU B 228 -0.32 -21.39 10.85
N LEU B 229 -1.20 -22.21 10.28
CA LEU B 229 -1.53 -23.50 10.86
C LEU B 229 -0.26 -24.29 11.17
N ASP B 230 -0.27 -24.98 12.32
CA ASP B 230 0.87 -25.70 12.86
C ASP B 230 0.32 -26.98 13.49
N MET B 231 0.49 -28.12 12.82
CA MET B 231 -0.17 -29.33 13.30
C MET B 231 0.23 -29.76 14.71
N GLN B 232 1.21 -29.08 15.32
CA GLN B 232 1.57 -29.42 16.70
C GLN B 232 0.80 -28.61 17.74
N ASP B 233 0.15 -27.51 17.35
CA ASP B 233 -0.74 -26.79 18.25
C ASP B 233 -1.91 -27.71 18.57
N THR B 234 -1.66 -28.65 19.47
CA THR B 234 -2.72 -29.55 19.85
C THR B 234 -3.49 -29.03 21.05
N SER B 235 -2.98 -28.04 21.75
CA SER B 235 -3.59 -27.66 23.01
C SER B 235 -4.21 -26.27 22.92
N GLU B 236 -5.27 -26.08 23.69
CA GLU B 236 -5.91 -24.77 23.81
C GLU B 236 -4.94 -23.71 24.32
N GLU B 237 -3.95 -24.10 25.14
CA GLU B 237 -3.06 -23.11 25.76
C GLU B 237 -2.08 -22.51 24.76
N GLN B 238 -1.63 -23.30 23.79
CA GLN B 238 -0.76 -22.74 22.76
C GLN B 238 -1.54 -21.81 21.85
N LEU B 239 -2.81 -22.15 21.54
CA LEU B 239 -3.64 -21.20 20.80
C LEU B 239 -3.73 -19.88 21.53
N PHE B 240 -4.07 -19.91 22.82
CA PHE B 240 -4.17 -18.65 23.56
C PHE B 240 -2.87 -17.88 23.46
N ALA B 241 -1.75 -18.59 23.51
CA ALA B 241 -0.46 -17.92 23.51
C ALA B 241 -0.19 -17.25 22.18
N LYS B 242 -0.39 -17.97 21.07
CA LYS B 242 -0.21 -17.34 19.76
C LYS B 242 -1.12 -16.13 19.60
N TRP B 243 -2.36 -16.22 20.08
CA TRP B 243 -3.25 -15.05 20.02
C TRP B 243 -2.66 -13.89 20.81
N GLU B 244 -2.26 -14.12 22.05
CA GLU B 244 -1.84 -12.99 22.89
C GLU B 244 -0.57 -12.35 22.36
N GLU B 245 0.19 -13.07 21.54
CA GLU B 245 1.43 -12.50 21.00
C GLU B 245 1.16 -11.70 19.73
N VAL B 246 0.37 -12.25 18.81
CA VAL B 246 0.10 -11.58 17.55
C VAL B 246 -0.81 -10.37 17.73
N ILE B 247 -1.75 -10.42 18.67
CA ILE B 247 -2.62 -9.26 18.84
C ILE B 247 -2.76 -8.81 20.28
N GLY B 248 -1.68 -8.87 21.06
CA GLY B 248 -1.69 -8.38 22.43
C GLY B 248 -1.12 -6.98 22.60
N ASP B 249 -0.18 -6.60 21.73
CA ASP B 249 0.31 -5.22 21.69
C ASP B 249 0.07 -4.53 20.35
N SER B 254 0.10 0.40 16.16
CA SER B 254 -0.70 0.45 14.93
C SER B 254 -0.15 1.50 13.99
N SER B 255 -0.19 1.24 12.69
CA SER B 255 0.17 2.25 11.72
C SER B 255 -1.10 2.82 11.09
N GLN B 256 -0.92 3.69 10.09
CA GLN B 256 -2.03 4.33 9.38
C GLN B 256 -3.01 4.95 10.37
N LEU B 257 -2.47 5.74 11.29
CA LEU B 257 -3.25 6.24 12.41
C LEU B 257 -4.21 7.36 12.01
N THR B 258 -4.06 7.93 10.82
CA THR B 258 -5.01 8.96 10.46
C THR B 258 -6.19 8.45 9.64
N LEU B 259 -6.31 7.13 9.43
CA LEU B 259 -7.39 6.62 8.58
C LEU B 259 -8.72 6.55 9.31
N HIS B 260 -8.71 6.25 10.61
CA HIS B 260 -9.93 6.19 11.42
C HIS B 260 -9.76 7.08 12.65
N PRO B 261 -9.55 8.39 12.44
CA PRO B 261 -9.01 9.21 13.53
C PRO B 261 -9.92 9.30 14.77
N ASN B 262 -11.24 9.26 14.61
CA ASN B 262 -12.15 9.42 15.75
C ASN B 262 -11.98 8.32 16.77
N LYS B 263 -11.15 8.57 17.78
CA LYS B 263 -10.83 7.58 18.81
C LYS B 263 -11.79 7.65 20.00
N THR B 264 -12.84 8.47 19.92
CA THR B 264 -13.89 8.51 20.94
C THR B 264 -15.25 8.24 20.33
N LEU B 265 -15.28 7.38 19.30
CA LEU B 265 -16.53 7.05 18.61
C LEU B 265 -17.63 6.65 19.59
N PHE B 266 -17.32 5.75 20.52
CA PHE B 266 -18.30 5.17 21.43
C PHE B 266 -18.35 5.91 22.77
N LYS B 267 -18.02 7.19 22.76
CA LYS B 267 -18.10 8.00 23.97
C LYS B 267 -19.53 8.04 24.49
N ASN B 268 -19.71 7.71 25.76
CA ASN B 268 -21.02 7.73 26.45
C ASN B 268 -21.90 6.59 26.00
N HIS B 269 -21.30 5.48 25.60
CA HIS B 269 -22.06 4.31 25.20
C HIS B 269 -21.56 3.12 26.02
N HIS B 270 -22.50 2.37 26.60
CA HIS B 270 -22.18 1.16 27.35
C HIS B 270 -22.96 0.00 26.74
N PHE B 271 -22.25 -1.02 26.30
CA PHE B 271 -22.84 -2.14 25.57
C PHE B 271 -22.95 -3.36 26.50
N ALA B 272 -24.07 -4.07 26.43
CA ALA B 272 -24.23 -5.36 27.11
C ALA B 272 -24.09 -6.50 26.10
N ILE B 273 -23.33 -7.53 26.45
CA ILE B 273 -23.00 -8.61 25.53
C ILE B 273 -23.72 -9.87 25.96
N SER B 274 -24.50 -10.44 25.03
CA SER B 274 -25.39 -11.56 25.30
C SER B 274 -24.62 -12.89 25.38
N PRO B 275 -25.08 -13.86 26.16
CA PRO B 275 -24.37 -15.15 26.24
C PRO B 275 -24.51 -16.03 24.99
N ASP B 276 -25.36 -15.68 24.02
CA ASP B 276 -25.42 -16.45 22.77
C ASP B 276 -24.31 -16.07 21.81
N LEU B 277 -23.48 -15.09 22.17
CA LEU B 277 -22.25 -14.79 21.43
C LEU B 277 -21.10 -15.59 22.05
N ASN B 278 -21.05 -16.89 21.72
CA ASN B 278 -20.04 -17.72 22.37
C ASN B 278 -18.81 -17.73 21.49
N PHE B 279 -17.95 -16.77 21.75
CA PHE B 279 -16.66 -16.65 21.06
C PHE B 279 -15.61 -17.41 21.84
N PHE B 280 -14.66 -17.99 21.11
CA PHE B 280 -13.31 -18.17 21.65
C PHE B 280 -13.01 -16.99 22.57
N THR B 281 -12.62 -17.27 23.80
CA THR B 281 -12.71 -16.11 24.68
C THR B 281 -11.62 -15.05 24.40
N PRO B 282 -10.46 -15.37 23.82
CA PRO B 282 -9.62 -14.27 23.32
C PRO B 282 -10.29 -13.47 22.21
N LEU B 283 -11.07 -14.11 21.32
CA LEU B 283 -11.86 -13.36 20.36
C LEU B 283 -12.78 -12.38 21.07
N TYR B 284 -13.37 -12.81 22.18
CA TYR B 284 -14.17 -11.88 22.95
C TYR B 284 -13.29 -10.78 23.52
N TRP B 285 -12.07 -11.10 23.93
CA TRP B 285 -11.17 -10.06 24.40
C TRP B 285 -10.92 -9.04 23.29
N PHE B 286 -10.65 -9.54 22.08
CA PHE B 286 -10.45 -8.66 20.92
C PHE B 286 -11.59 -7.68 20.73
N LEU B 287 -12.83 -8.19 20.70
CA LEU B 287 -13.99 -7.29 20.62
C LEU B 287 -13.99 -6.27 21.76
N LYS B 288 -13.78 -6.73 22.99
CA LYS B 288 -13.78 -5.83 24.15
C LYS B 288 -12.73 -4.73 24.03
N GLY B 289 -11.57 -5.07 23.46
CA GLY B 289 -10.50 -4.09 23.35
C GLY B 289 -10.74 -3.11 22.22
N PHE B 290 -11.32 -3.60 21.11
CA PHE B 290 -11.82 -2.72 20.06
C PHE B 290 -12.86 -1.75 20.61
N ILE B 291 -13.81 -2.26 21.41
CA ILE B 291 -14.84 -1.38 21.96
C ILE B 291 -14.21 -0.36 22.89
N GLU B 292 -13.48 -0.84 23.91
CA GLU B 292 -12.96 0.07 24.94
C GLU B 292 -12.00 1.10 24.35
N ASP B 293 -11.14 0.71 23.41
CA ASP B 293 -10.23 1.65 22.78
C ASP B 293 -10.91 2.72 21.94
N LEU B 294 -12.18 2.55 21.59
CA LEU B 294 -12.98 3.66 21.06
C LEU B 294 -13.87 4.26 22.13
N ASP B 295 -13.39 4.25 23.38
CA ASP B 295 -14.02 4.86 24.54
C ASP B 295 -15.40 4.28 24.87
N GLY B 296 -15.69 3.04 24.48
CA GLY B 296 -16.93 2.40 24.87
C GLY B 296 -16.78 1.45 26.04
N LYS B 297 -17.90 1.22 26.74
CA LYS B 297 -17.97 0.34 27.91
C LYS B 297 -18.72 -0.95 27.59
N VAL B 298 -18.40 -2.01 28.37
CA VAL B 298 -18.77 -3.39 28.03
C VAL B 298 -19.16 -4.14 29.30
N THR B 299 -20.22 -4.94 29.22
CA THR B 299 -20.59 -5.77 30.36
C THR B 299 -21.19 -7.10 29.90
N PRO B 300 -20.54 -8.23 30.18
CA PRO B 300 -21.05 -9.51 29.66
C PRO B 300 -22.17 -10.06 30.51
N LEU B 301 -23.13 -10.70 29.84
CA LEU B 301 -24.25 -11.39 30.45
C LEU B 301 -24.02 -12.90 30.40
N SER B 302 -24.73 -13.61 31.25
CA SER B 302 -24.64 -15.06 31.19
C SER B 302 -26.02 -15.66 31.39
N PHE B 303 -26.12 -16.95 31.10
CA PHE B 303 -27.42 -17.63 31.15
C PHE B 303 -27.97 -17.67 32.57
N SER B 304 -27.10 -17.88 33.55
CA SER B 304 -27.48 -18.09 34.94
C SER B 304 -27.56 -16.78 35.73
N ASP B 305 -28.06 -15.71 35.13
CA ASP B 305 -28.13 -14.39 35.75
C ASP B 305 -29.58 -14.00 36.00
N ASP B 306 -29.81 -13.29 37.12
CA ASP B 306 -31.03 -12.52 37.27
C ASP B 306 -30.88 -11.23 36.47
N LEU B 307 -31.84 -10.95 35.60
CA LEU B 307 -31.62 -9.88 34.65
C LEU B 307 -31.86 -8.50 35.25
N LYS B 308 -32.85 -8.38 36.15
CA LYS B 308 -33.13 -7.08 36.75
C LYS B 308 -31.93 -6.58 37.56
N SER B 309 -31.38 -7.44 38.42
CA SER B 309 -30.24 -7.05 39.24
C SER B 309 -29.12 -6.47 38.40
N VAL B 310 -28.96 -6.99 37.19
CA VAL B 310 -27.86 -6.54 36.33
C VAL B 310 -28.14 -5.13 35.80
N TYR B 311 -29.29 -4.95 35.15
CA TYR B 311 -29.63 -3.63 34.63
C TYR B 311 -29.82 -2.62 35.76
N GLN B 312 -30.28 -3.08 36.93
CA GLN B 312 -30.18 -2.28 38.14
C GLN B 312 -28.75 -1.84 38.38
N ALA B 313 -27.83 -2.81 38.47
CA ALA B 313 -26.46 -2.49 38.86
C ALA B 313 -25.79 -1.56 37.86
N PHE B 314 -26.09 -1.71 36.58
CA PHE B 314 -25.44 -0.95 35.51
C PHE B 314 -26.52 -0.20 34.72
N PRO B 315 -26.86 0.99 35.14
CA PRO B 315 -28.03 1.65 34.55
C PRO B 315 -27.68 2.36 33.26
N ASP B 316 -26.43 2.78 33.11
CA ASP B 316 -26.05 3.60 31.96
C ASP B 316 -25.99 2.84 30.64
N ILE B 317 -26.36 1.57 30.64
CA ILE B 317 -26.24 0.76 29.44
C ILE B 317 -27.37 1.12 28.48
N ASP B 318 -27.01 1.60 27.29
CA ASP B 318 -27.96 1.99 26.26
C ASP B 318 -27.91 1.09 25.02
N CYS B 319 -27.20 -0.03 25.06
CA CYS B 319 -27.00 -0.85 23.88
C CYS B 319 -26.98 -2.32 24.27
N TYR B 320 -27.70 -3.13 23.50
CA TYR B 320 -27.59 -4.58 23.54
C TYR B 320 -26.81 -5.05 22.31
N ILE B 321 -25.99 -6.07 22.50
CA ILE B 321 -25.30 -6.75 21.42
C ILE B 321 -25.63 -8.22 21.55
N GLY B 322 -26.16 -8.81 20.49
CA GLY B 322 -26.57 -10.20 20.54
C GLY B 322 -26.57 -10.77 19.14
N HIS B 323 -26.62 -12.10 19.08
CA HIS B 323 -26.58 -12.81 17.81
C HIS B 323 -27.96 -13.21 17.32
N SER B 324 -28.79 -13.81 18.16
CA SER B 324 -30.07 -14.32 17.67
C SER B 324 -31.21 -13.35 17.97
N ALA B 325 -32.20 -13.32 17.07
CA ALA B 325 -33.39 -12.56 17.41
C ALA B 325 -34.28 -13.36 18.35
N ASN B 326 -34.26 -14.68 18.26
CA ASN B 326 -35.13 -15.55 19.04
C ASN B 326 -34.58 -15.83 20.41
N SER B 327 -33.71 -14.97 20.92
CA SER B 327 -33.02 -15.25 22.17
C SER B 327 -33.87 -14.83 23.34
N PRO B 328 -34.14 -15.74 24.29
CA PRO B 328 -34.86 -15.35 25.51
C PRO B 328 -34.15 -14.27 26.31
N ILE B 329 -32.83 -14.31 26.38
CA ILE B 329 -32.11 -13.21 27.02
C ILE B 329 -32.48 -11.87 26.35
N LEU B 330 -32.76 -11.89 25.06
CA LEU B 330 -33.12 -10.64 24.39
C LEU B 330 -34.55 -10.27 24.73
N GLU B 331 -35.39 -11.27 24.94
CA GLU B 331 -36.79 -11.05 25.20
C GLU B 331 -36.98 -10.22 26.47
N LYS B 332 -36.44 -10.72 27.58
CA LYS B 332 -36.58 -10.03 28.85
C LYS B 332 -35.74 -8.77 28.93
N THR B 333 -34.78 -8.58 28.02
CA THR B 333 -34.09 -7.29 27.95
C THR B 333 -35.02 -6.22 27.37
N LYS B 334 -35.88 -6.61 26.42
CA LYS B 334 -36.92 -5.70 25.92
C LYS B 334 -38.05 -5.54 26.92
N SER B 335 -38.22 -6.51 27.82
CA SER B 335 -39.13 -6.35 28.95
C SER B 335 -38.70 -5.16 29.81
N ILE B 336 -37.42 -5.11 30.17
CA ILE B 336 -36.94 -4.10 31.10
C ILE B 336 -36.67 -2.78 30.40
N LYS B 337 -35.75 -2.77 29.44
CA LYS B 337 -35.37 -1.53 28.75
C LYS B 337 -35.85 -1.59 27.31
N PRO B 338 -37.11 -1.22 27.03
CA PRO B 338 -37.57 -1.22 25.64
C PRO B 338 -36.87 -0.18 24.80
N GLU B 339 -36.25 0.81 25.41
CA GLU B 339 -35.63 1.89 24.67
C GLU B 339 -34.14 1.64 24.39
N ILE B 340 -33.69 0.39 24.48
CA ILE B 340 -32.28 0.08 24.31
C ILE B 340 -31.97 -0.12 22.83
N HIS B 341 -30.81 0.39 22.40
CA HIS B 341 -30.31 0.10 21.06
C HIS B 341 -30.07 -1.40 20.93
N VAL B 342 -30.67 -2.04 19.95
CA VAL B 342 -30.61 -3.49 19.84
C VAL B 342 -29.90 -3.82 18.53
N GLY B 343 -28.64 -4.25 18.65
CA GLY B 343 -27.86 -4.56 17.49
C GLY B 343 -27.21 -5.91 17.52
N ASN B 344 -26.35 -6.13 16.53
CA ASN B 344 -25.44 -7.26 16.50
C ASN B 344 -24.04 -6.72 16.23
N VAL B 345 -23.04 -7.57 16.41
CA VAL B 345 -21.66 -7.10 16.33
C VAL B 345 -21.37 -6.45 14.99
N SER B 346 -22.09 -6.83 13.95
CA SER B 346 -21.86 -6.23 12.64
C SER B 346 -22.18 -4.76 12.66
N TRP B 347 -23.12 -4.35 13.52
CA TRP B 347 -23.49 -2.96 13.65
C TRP B 347 -22.29 -2.10 14.05
N LEU B 348 -21.52 -2.57 15.05
CA LEU B 348 -20.38 -1.84 15.54
C LEU B 348 -19.38 -1.59 14.44
N PHE B 349 -19.01 -2.62 13.68
CA PHE B 349 -18.00 -2.41 12.66
C PHE B 349 -18.50 -1.49 11.56
N TYR B 350 -19.83 -1.38 11.39
CA TYR B 350 -20.43 -0.41 10.47
C TYR B 350 -20.25 1.02 10.99
N MET B 351 -20.58 1.28 12.26
CA MET B 351 -20.35 2.62 12.84
C MET B 351 -18.88 3.01 12.77
N PHE B 352 -17.99 2.06 13.02
CA PHE B 352 -16.56 2.34 12.94
C PHE B 352 -16.14 2.74 11.52
N ALA B 353 -16.63 2.03 10.49
CA ALA B 353 -16.40 2.48 9.11
C ALA B 353 -17.04 3.84 8.87
N LEU B 354 -18.26 4.08 9.39
CA LEU B 354 -18.85 5.40 9.23
C LEU B 354 -18.09 6.48 10.03
N GLN B 355 -17.31 6.07 11.03
CA GLN B 355 -16.76 6.98 12.05
C GLN B 355 -17.87 7.80 12.74
N LYS B 356 -19.04 7.20 12.93
CA LYS B 356 -20.20 7.94 13.39
C LYS B 356 -21.08 7.02 14.22
N PHE B 357 -21.55 7.50 15.38
CA PHE B 357 -22.59 6.71 16.06
C PHE B 357 -23.91 6.90 15.35
N THR B 358 -24.61 5.80 15.08
CA THR B 358 -25.80 5.76 14.26
C THR B 358 -26.75 4.72 14.85
N PRO B 359 -27.97 5.09 15.23
CA PRO B 359 -28.90 4.08 15.72
C PRO B 359 -29.18 3.05 14.65
N VAL B 360 -29.73 1.93 15.08
CA VAL B 360 -29.76 0.76 14.21
C VAL B 360 -30.76 0.97 13.06
N SER B 361 -31.89 1.61 13.34
CA SER B 361 -32.89 1.77 12.30
C SER B 361 -32.45 2.72 11.19
N GLN B 362 -31.43 3.52 11.43
CA GLN B 362 -30.80 4.27 10.34
C GLN B 362 -29.66 3.51 9.66
N CYS B 363 -29.37 2.29 10.11
CA CYS B 363 -28.45 1.38 9.44
C CYS B 363 -29.28 0.31 8.71
N LYS B 364 -28.63 -0.76 8.27
CA LYS B 364 -29.30 -1.68 7.37
C LYS B 364 -29.87 -2.87 8.14
N LEU B 365 -30.47 -3.81 7.41
CA LEU B 365 -31.18 -4.93 8.04
C LEU B 365 -30.23 -5.95 8.66
N ILE B 366 -29.02 -6.07 8.10
CA ILE B 366 -28.01 -7.03 8.55
C ILE B 366 -27.34 -6.60 9.83
N HIS B 367 -27.79 -5.51 10.41
CA HIS B 367 -27.24 -5.01 11.67
C HIS B 367 -28.15 -5.30 12.85
N GLN B 368 -29.24 -6.03 12.65
CA GLN B 368 -30.05 -6.43 13.80
C GLN B 368 -29.77 -7.88 14.16
N PRO B 369 -30.13 -8.32 15.36
CA PRO B 369 -30.08 -9.75 15.67
C PRO B 369 -30.78 -10.55 14.58
N PHE B 370 -30.26 -11.74 14.30
CA PHE B 370 -30.66 -12.46 13.10
C PHE B 370 -31.89 -13.34 13.35
N HIS B 371 -32.80 -13.36 12.36
CA HIS B 371 -33.99 -14.22 12.42
C HIS B 371 -33.59 -15.68 12.33
N ALA B 372 -34.53 -16.56 12.72
CA ALA B 372 -34.41 -17.95 12.34
C ALA B 372 -34.17 -18.08 10.84
N LYS B 373 -33.54 -19.16 10.43
CA LYS B 373 -33.42 -19.43 9.01
C LYS B 373 -34.81 -19.58 8.37
N LEU B 374 -35.12 -18.69 7.44
CA LEU B 374 -36.35 -18.77 6.67
C LEU B 374 -36.33 -19.92 5.65
N PHE B 375 -35.21 -20.09 4.95
CA PHE B 375 -35.07 -21.05 3.86
C PHE B 375 -34.01 -22.09 4.19
N THR B 376 -34.02 -23.18 3.41
CA THR B 376 -32.93 -24.14 3.41
C THR B 376 -32.11 -24.01 2.13
N SER B 377 -31.00 -24.74 2.08
CA SER B 377 -30.20 -24.82 0.86
C SER B 377 -31.04 -25.26 -0.35
N LYS B 378 -31.79 -26.36 -0.20
CA LYS B 378 -32.56 -26.89 -1.32
C LYS B 378 -33.52 -25.85 -1.88
N GLU B 379 -33.97 -24.90 -1.06
CA GLU B 379 -34.90 -23.89 -1.53
C GLU B 379 -34.22 -22.62 -2.03
N LEU B 380 -32.95 -22.38 -1.63
CA LEU B 380 -32.29 -21.08 -1.83
C LEU B 380 -30.80 -21.35 -2.05
N THR B 381 -30.45 -21.71 -3.28
CA THR B 381 -29.05 -21.79 -3.72
C THR B 381 -28.93 -20.87 -4.93
N VAL B 382 -28.49 -19.64 -4.70
CA VAL B 382 -28.70 -18.55 -5.64
C VAL B 382 -27.37 -18.16 -6.26
N ALA B 383 -27.42 -17.86 -7.56
CA ALA B 383 -26.38 -17.16 -8.28
C ALA B 383 -26.80 -15.70 -8.39
N TYR B 384 -25.90 -14.86 -8.87
CA TYR B 384 -26.18 -13.43 -8.97
C TYR B 384 -25.27 -12.87 -10.05
N THR B 385 -25.58 -11.65 -10.50
CA THR B 385 -24.93 -11.09 -11.67
C THR B 385 -24.95 -9.57 -11.58
N ASN B 386 -23.89 -8.96 -12.10
CA ASN B 386 -23.74 -7.49 -12.13
C ASN B 386 -23.68 -6.90 -10.73
N TYR B 387 -23.21 -7.68 -9.77
CA TYR B 387 -22.92 -7.16 -8.43
C TYR B 387 -21.41 -7.12 -8.25
N PHE B 388 -20.90 -5.95 -7.89
CA PHE B 388 -19.46 -5.74 -7.72
C PHE B 388 -19.16 -5.36 -6.28
N GLY B 389 -17.98 -5.79 -5.82
CA GLY B 389 -17.39 -5.37 -4.58
C GLY B 389 -18.27 -5.48 -3.37
N SER B 390 -18.66 -4.35 -2.78
CA SER B 390 -19.35 -4.44 -1.51
C SER B 390 -20.81 -4.81 -1.68
N GLN B 391 -21.31 -4.79 -2.92
CA GLN B 391 -22.61 -5.37 -3.20
C GLN B 391 -22.56 -6.89 -3.13
N ARG B 392 -21.51 -7.50 -3.69
CA ARG B 392 -21.39 -8.96 -3.64
C ARG B 392 -21.39 -9.44 -2.20
N PHE B 393 -20.74 -8.69 -1.33
CA PHE B 393 -20.67 -9.12 0.07
C PHE B 393 -22.03 -8.97 0.73
N TYR B 394 -22.85 -8.03 0.26
CA TYR B 394 -24.13 -7.83 0.92
C TYR B 394 -25.13 -8.88 0.46
N ILE B 395 -25.14 -9.17 -0.84
CA ILE B 395 -25.89 -10.33 -1.35
C ILE B 395 -25.57 -11.55 -0.50
N GLN B 396 -24.28 -11.87 -0.40
CA GLN B 396 -23.84 -13.07 0.28
C GLN B 396 -24.34 -13.11 1.71
N ARG B 397 -24.35 -11.96 2.38
CA ARG B 397 -24.76 -11.90 3.77
C ARG B 397 -26.27 -12.15 3.93
N LEU B 398 -27.10 -11.47 3.13
CA LEU B 398 -28.54 -11.72 3.17
C LEU B 398 -28.84 -13.19 2.98
N VAL B 399 -28.32 -13.76 1.90
CA VAL B 399 -28.55 -15.18 1.62
C VAL B 399 -28.12 -16.03 2.80
N GLU B 400 -26.96 -15.72 3.40
CA GLU B 400 -26.56 -16.39 4.63
C GLU B 400 -27.66 -16.37 5.66
N ILE B 401 -28.07 -15.18 6.08
CA ILE B 401 -28.95 -15.12 7.23
C ILE B 401 -30.38 -15.54 6.88
N LEU B 402 -30.72 -15.60 5.58
CA LEU B 402 -31.96 -16.20 5.10
C LEU B 402 -31.91 -17.72 5.10
N GLY B 403 -30.73 -18.32 5.21
CA GLY B 403 -30.58 -19.76 5.27
C GLY B 403 -30.12 -20.45 4.00
N GLY B 404 -29.89 -19.70 2.92
CA GLY B 404 -29.51 -20.29 1.66
C GLY B 404 -28.00 -20.24 1.40
N LEU B 405 -27.63 -20.60 0.18
CA LEU B 405 -26.24 -20.59 -0.28
C LEU B 405 -26.12 -19.71 -1.52
N SER B 406 -24.89 -19.27 -1.78
CA SER B 406 -24.54 -18.53 -3.00
C SER B 406 -23.49 -19.29 -3.79
N THR B 407 -23.55 -19.14 -5.10
CA THR B 407 -22.49 -19.70 -5.91
C THR B 407 -21.99 -18.62 -6.87
N PRO B 408 -20.72 -18.69 -7.23
CA PRO B 408 -20.15 -17.63 -8.07
C PRO B 408 -20.50 -17.89 -9.53
N GLU B 409 -20.79 -19.14 -9.86
CA GLU B 409 -21.17 -19.52 -11.21
C GLU B 409 -22.69 -19.60 -11.30
N LEU B 410 -23.19 -20.22 -12.36
CA LEU B 410 -24.61 -20.46 -12.55
C LEU B 410 -24.74 -21.82 -13.21
N THR B 411 -25.41 -22.74 -12.53
CA THR B 411 -25.58 -24.11 -13.00
C THR B 411 -27.04 -24.50 -12.85
N ARG B 412 -27.33 -25.75 -13.17
CA ARG B 412 -28.67 -26.29 -12.92
C ARG B 412 -28.89 -26.60 -11.45
N LYS B 413 -27.83 -26.52 -10.65
CA LYS B 413 -27.94 -26.64 -9.21
C LYS B 413 -28.56 -25.37 -8.60
N ASN B 414 -28.58 -24.25 -9.32
CA ASN B 414 -29.10 -23.01 -8.76
C ASN B 414 -30.62 -22.95 -8.82
N THR B 415 -31.21 -22.46 -7.73
CA THR B 415 -32.65 -22.28 -7.65
C THR B 415 -33.05 -20.89 -8.09
N HIS B 416 -32.22 -19.89 -7.85
CA HIS B 416 -32.53 -18.52 -8.21
C HIS B 416 -31.34 -17.88 -8.91
N LEU B 417 -31.64 -16.77 -9.58
CA LEU B 417 -30.66 -15.78 -10.02
C LEU B 417 -31.16 -14.45 -9.48
N ILE B 418 -30.35 -13.77 -8.69
CA ILE B 418 -30.72 -12.47 -8.18
C ILE B 418 -30.12 -11.42 -9.11
N THR B 419 -30.97 -10.59 -9.70
CA THR B 419 -30.48 -9.69 -10.73
C THR B 419 -31.00 -8.28 -10.53
N LYS B 420 -30.28 -7.37 -11.17
CA LYS B 420 -30.47 -5.93 -11.10
C LYS B 420 -30.92 -5.34 -12.44
N SER B 421 -30.35 -5.81 -13.53
CA SER B 421 -30.56 -5.26 -14.86
C SER B 421 -30.70 -6.41 -15.84
N THR B 422 -30.82 -6.10 -17.13
CA THR B 422 -31.03 -7.13 -18.13
C THR B 422 -29.76 -7.50 -18.89
N ILE B 423 -28.59 -7.21 -18.36
CA ILE B 423 -27.38 -7.38 -19.14
C ILE B 423 -26.60 -8.56 -18.59
N GLY B 424 -25.63 -8.99 -19.38
CA GLY B 424 -24.73 -10.06 -19.00
C GLY B 424 -25.22 -11.41 -19.47
N LYS B 425 -24.27 -12.32 -19.65
CA LYS B 425 -24.62 -13.65 -20.13
C LYS B 425 -25.59 -14.37 -19.18
N LYS B 426 -25.29 -14.28 -17.89
CA LYS B 426 -26.09 -14.93 -16.86
C LYS B 426 -27.59 -14.73 -17.01
N PHE B 427 -28.01 -13.47 -17.03
CA PHE B 427 -29.42 -13.14 -17.15
C PHE B 427 -30.06 -13.77 -18.38
N LYS B 428 -29.38 -13.73 -19.52
CA LYS B 428 -29.97 -14.29 -20.73
C LYS B 428 -30.13 -15.80 -20.61
N VAL B 429 -29.16 -16.46 -19.97
CA VAL B 429 -29.24 -17.91 -19.84
C VAL B 429 -30.27 -18.30 -18.80
N ALA B 430 -30.32 -17.57 -17.69
CA ALA B 430 -31.31 -17.88 -16.67
C ALA B 430 -32.71 -17.61 -17.18
N LYS B 431 -32.88 -16.57 -17.99
CA LYS B 431 -34.19 -16.28 -18.54
C LYS B 431 -34.66 -17.41 -19.44
N LYS B 432 -33.78 -17.99 -20.25
CA LYS B 432 -34.19 -19.13 -21.07
C LYS B 432 -34.51 -20.33 -20.21
N TRP B 433 -33.64 -20.63 -19.24
CA TRP B 433 -33.88 -21.76 -18.37
C TRP B 433 -35.17 -21.59 -17.59
N SER B 434 -35.54 -20.35 -17.26
CA SER B 434 -36.74 -20.14 -16.47
C SER B 434 -37.98 -20.54 -17.25
N LEU B 435 -37.91 -20.54 -18.58
CA LEU B 435 -39.08 -20.85 -19.38
C LEU B 435 -39.43 -22.34 -19.36
N ASP B 436 -38.52 -23.17 -18.88
CA ASP B 436 -38.76 -24.61 -18.92
C ASP B 436 -39.88 -25.00 -17.96
N PRO B 437 -40.85 -25.85 -18.38
CA PRO B 437 -41.88 -26.32 -17.44
C PRO B 437 -41.42 -27.37 -16.44
N GLN B 438 -40.10 -27.51 -16.23
CA GLN B 438 -39.62 -28.48 -15.25
C GLN B 438 -38.50 -27.90 -14.41
N ASN B 439 -37.47 -27.36 -15.09
CA ASN B 439 -36.38 -26.65 -14.43
C ASN B 439 -36.92 -25.72 -13.36
N ALA B 440 -37.56 -24.65 -13.80
CA ALA B 440 -38.09 -23.62 -12.93
C ALA B 440 -36.98 -22.97 -12.13
N ILE B 441 -35.90 -22.57 -12.80
CA ILE B 441 -35.04 -21.59 -12.16
C ILE B 441 -35.78 -20.27 -12.20
N ILE B 442 -35.72 -19.52 -11.10
CA ILE B 442 -36.47 -18.29 -10.97
C ILE B 442 -35.52 -17.11 -11.07
N VAL B 443 -35.91 -16.12 -11.84
CA VAL B 443 -35.17 -14.89 -11.97
C VAL B 443 -35.98 -13.82 -11.24
N THR B 444 -35.40 -13.28 -10.15
CA THR B 444 -36.03 -12.17 -9.44
C THR B 444 -34.95 -11.19 -9.06
N ASN B 445 -35.33 -10.15 -8.33
CA ASN B 445 -34.37 -9.13 -7.95
C ASN B 445 -34.12 -9.15 -6.44
N HIS B 446 -33.14 -8.34 -6.03
CA HIS B 446 -32.68 -8.40 -4.65
C HIS B 446 -33.73 -7.88 -3.67
N MET B 447 -34.67 -7.06 -4.12
CA MET B 447 -35.73 -6.65 -3.22
C MET B 447 -36.57 -7.85 -2.75
N TRP B 448 -36.49 -8.99 -3.44
CA TRP B 448 -37.17 -10.17 -2.95
C TRP B 448 -36.48 -10.73 -1.72
N LEU B 449 -35.14 -10.84 -1.77
CA LEU B 449 -34.38 -11.17 -0.56
C LEU B 449 -34.67 -10.22 0.58
N GLU B 450 -34.55 -8.91 0.33
CA GLU B 450 -34.70 -7.95 1.43
C GLU B 450 -36.09 -8.02 2.03
N GLN B 451 -37.12 -8.17 1.22
CA GLN B 451 -38.45 -8.21 1.81
C GLN B 451 -38.74 -9.54 2.48
N CYS B 452 -38.27 -10.63 1.89
CA CYS B 452 -38.43 -11.91 2.58
C CYS B 452 -37.89 -11.79 3.98
N TYR B 453 -36.71 -11.17 4.12
CA TYR B 453 -36.07 -11.07 5.43
C TYR B 453 -36.85 -10.12 6.33
N MET B 454 -37.24 -8.96 5.82
CA MET B 454 -37.89 -7.96 6.66
C MET B 454 -39.24 -8.46 7.17
N ASN B 455 -40.00 -9.19 6.35
CA ASN B 455 -41.29 -9.75 6.74
C ASN B 455 -41.20 -11.19 7.24
N ASN B 456 -39.99 -11.75 7.34
CA ASN B 456 -39.77 -13.13 7.80
C ASN B 456 -40.78 -14.10 7.22
N SER B 457 -40.88 -14.10 5.91
CA SER B 457 -41.91 -14.87 5.25
C SER B 457 -41.46 -15.18 3.84
N LYS B 458 -41.75 -16.39 3.37
CA LYS B 458 -41.40 -16.78 2.00
C LYS B 458 -42.35 -16.08 1.05
N LEU B 459 -41.95 -14.88 0.61
CA LEU B 459 -42.70 -14.14 -0.39
C LEU B 459 -42.52 -14.77 -1.76
N ASN B 460 -43.43 -14.44 -2.67
CA ASN B 460 -43.44 -15.04 -4.02
C ASN B 460 -42.48 -14.27 -4.93
N PRO B 461 -41.43 -14.89 -5.47
CA PRO B 461 -40.48 -14.13 -6.29
C PRO B 461 -41.05 -13.71 -7.64
N LYS B 462 -42.27 -14.12 -7.97
CA LYS B 462 -42.84 -13.71 -9.25
C LYS B 462 -43.72 -12.48 -9.15
N ASP B 463 -44.04 -12.02 -7.94
CA ASP B 463 -44.89 -10.84 -7.80
C ASP B 463 -44.31 -9.66 -8.56
N SER B 464 -45.17 -8.71 -8.89
CA SER B 464 -44.76 -7.62 -9.76
C SER B 464 -43.53 -6.89 -9.21
N ARG B 465 -43.60 -6.49 -7.94
CA ARG B 465 -42.55 -5.63 -7.38
C ARG B 465 -41.18 -6.31 -7.44
N PHE B 466 -41.15 -7.64 -7.48
CA PHE B 466 -39.89 -8.40 -7.50
C PHE B 466 -39.44 -8.78 -8.91
N GLN B 467 -40.08 -8.23 -9.95
CA GLN B 467 -39.69 -8.48 -11.34
C GLN B 467 -39.23 -7.21 -12.03
N ASN B 468 -39.33 -6.07 -11.36
CA ASN B 468 -38.85 -4.81 -11.90
C ASN B 468 -37.33 -4.91 -12.03
N PHE B 469 -36.86 -5.06 -13.26
CA PHE B 469 -35.43 -5.13 -13.51
C PHE B 469 -34.93 -3.83 -14.13
N LYS B 470 -35.59 -2.72 -13.82
CA LYS B 470 -35.13 -1.43 -14.30
C LYS B 470 -34.76 -0.56 -13.10
N LEU B 471 -33.96 -1.12 -12.21
CA LEU B 471 -33.65 -0.50 -10.92
C LEU B 471 -32.57 0.57 -11.03
N ASP B 472 -31.79 0.58 -12.11
CA ASP B 472 -30.87 1.68 -12.34
C ASP B 472 -31.57 2.98 -12.69
N ASP B 473 -32.90 2.99 -12.78
CA ASP B 473 -33.68 4.21 -12.90
C ASP B 473 -34.02 4.81 -11.54
N ASN B 474 -33.37 4.34 -10.49
CA ASN B 474 -33.45 4.98 -9.17
C ASN B 474 -32.30 4.45 -8.35
N MET B 475 -31.41 5.36 -7.94
CA MET B 475 -30.31 4.97 -7.06
C MET B 475 -30.81 4.46 -5.71
N GLY B 476 -31.98 4.93 -5.25
CA GLY B 476 -32.52 4.51 -3.97
C GLY B 476 -32.87 3.04 -3.91
N TRP B 477 -32.84 2.36 -5.06
CA TRP B 477 -33.05 0.92 -5.14
C TRP B 477 -31.73 0.14 -5.28
N ASN B 478 -30.63 0.72 -4.78
CA ASN B 478 -29.43 -0.08 -4.56
C ASN B 478 -29.68 -1.08 -3.43
N ILE B 479 -29.06 -2.27 -3.56
CA ILE B 479 -29.23 -3.28 -2.53
C ILE B 479 -28.75 -2.74 -1.20
N GLY B 480 -29.55 -2.94 -0.16
CA GLY B 480 -29.18 -2.60 1.18
C GLY B 480 -29.85 -1.35 1.68
N GLN B 481 -30.50 -0.59 0.79
CA GLN B 481 -31.18 0.63 1.20
C GLN B 481 -32.45 0.33 1.98
N ILE B 482 -33.13 -0.76 1.66
CA ILE B 482 -34.50 -0.99 2.10
C ILE B 482 -34.58 -1.12 3.61
N GLY B 483 -34.96 -0.03 4.27
CA GLY B 483 -35.16 -0.05 5.70
C GLY B 483 -34.55 1.14 6.42
N MET B 484 -33.67 1.86 5.74
CA MET B 484 -32.96 2.99 6.35
C MET B 484 -33.87 4.22 6.51
N GLU C 1 35.51 -1.57 19.63
CA GLU C 1 35.35 -2.75 18.79
C GLU C 1 34.41 -2.50 17.63
N THR C 2 33.12 -2.79 17.85
CA THR C 2 32.10 -2.44 16.87
C THR C 2 30.97 -1.69 17.58
N VAL C 3 30.70 -0.44 17.17
CA VAL C 3 29.63 0.47 17.63
C VAL C 3 28.53 0.33 16.60
N PRO C 4 27.31 -0.14 16.98
CA PRO C 4 26.33 -0.52 15.96
C PRO C 4 25.71 0.69 15.26
N ASP C 5 24.75 0.41 14.36
CA ASP C 5 24.16 1.47 13.56
C ASP C 5 23.36 2.44 14.42
N SER C 6 22.41 1.91 15.21
CA SER C 6 21.51 2.61 16.13
C SER C 6 20.26 3.17 15.46
N GLN C 7 19.92 2.69 14.26
CA GLN C 7 18.62 3.03 13.67
C GLN C 7 17.82 1.76 13.41
N SER C 13 23.73 -6.85 12.43
CA SER C 13 25.04 -7.46 12.58
C SER C 13 25.45 -8.19 11.28
N PRO C 14 26.62 -7.86 10.75
CA PRO C 14 27.04 -8.38 9.43
C PRO C 14 27.85 -9.67 9.52
N LEU C 15 27.56 -10.58 8.59
CA LEU C 15 28.24 -11.88 8.51
C LEU C 15 29.25 -11.94 7.38
N ILE C 16 28.87 -11.55 6.18
CA ILE C 16 29.78 -11.55 5.02
C ILE C 16 30.15 -10.16 4.73
N PRO C 17 31.42 -9.72 4.82
CA PRO C 17 31.78 -8.33 4.94
C PRO C 17 31.74 -7.61 3.61
N THR C 18 31.89 -6.28 3.71
CA THR C 18 31.77 -5.44 2.52
C THR C 18 32.98 -5.60 1.59
N SER C 19 34.19 -5.78 2.16
CA SER C 19 35.42 -5.73 1.37
C SER C 19 35.64 -7.00 0.56
N VAL C 20 34.92 -8.08 0.86
CA VAL C 20 35.11 -9.34 0.14
C VAL C 20 34.66 -9.16 -1.32
N GLY C 21 33.35 -9.04 -1.54
CA GLY C 21 32.83 -8.81 -2.88
C GLY C 21 32.76 -7.34 -3.25
N SER C 22 33.92 -6.71 -3.38
CA SER C 22 34.01 -5.26 -3.54
C SER C 22 34.21 -4.81 -4.99
N TYR C 23 34.53 -5.71 -5.91
CA TYR C 23 34.88 -5.34 -7.27
C TYR C 23 33.69 -5.46 -8.21
N PHE C 24 33.66 -4.59 -9.22
CA PHE C 24 32.70 -4.73 -10.31
C PHE C 24 33.33 -5.55 -11.42
N ARG C 25 32.48 -6.14 -12.26
CA ARG C 25 33.07 -7.02 -13.27
C ARG C 25 33.68 -6.28 -14.44
N ASP C 26 33.72 -4.94 -14.43
CA ASP C 26 34.49 -4.18 -15.40
C ASP C 26 35.57 -3.32 -14.73
N ASP C 27 36.03 -3.71 -13.57
CA ASP C 27 37.19 -3.06 -12.96
C ASP C 27 38.47 -3.51 -13.65
N GLU D 1 -24.98 -25.51 -18.63
CA GLU D 1 -23.99 -26.28 -17.91
C GLU D 1 -23.43 -25.54 -16.71
N THR D 2 -22.25 -24.96 -16.89
CA THR D 2 -21.78 -23.96 -15.94
C THR D 2 -21.26 -22.73 -16.67
N VAL D 3 -21.90 -21.57 -16.43
CA VAL D 3 -21.62 -20.21 -16.90
C VAL D 3 -20.65 -19.63 -15.88
N PRO D 4 -19.52 -19.10 -16.32
CA PRO D 4 -18.51 -18.62 -15.36
C PRO D 4 -18.94 -17.30 -14.74
N ASP D 5 -18.29 -17.00 -13.62
CA ASP D 5 -18.30 -15.63 -13.12
C ASP D 5 -17.63 -14.73 -14.13
N SER D 6 -18.36 -13.72 -14.63
CA SER D 6 -17.79 -12.83 -15.64
C SER D 6 -16.92 -11.70 -15.04
N GLN D 7 -16.36 -11.96 -13.87
CA GLN D 7 -15.52 -10.97 -13.20
C GLN D 7 -14.13 -10.90 -13.82
N ILE D 8 -13.20 -11.67 -13.25
CA ILE D 8 -11.83 -11.71 -13.76
C ILE D 8 -11.61 -12.91 -14.67
N SER D 9 -10.71 -12.75 -15.63
CA SER D 9 -10.41 -13.82 -16.58
C SER D 9 -9.96 -15.09 -15.86
N GLY D 10 -10.51 -16.23 -16.27
CA GLY D 10 -10.16 -17.50 -15.66
C GLY D 10 -11.34 -18.14 -14.95
N PHE D 11 -11.76 -19.30 -15.42
CA PHE D 11 -12.90 -20.02 -14.82
C PHE D 11 -12.35 -20.89 -13.69
N ASP D 12 -12.21 -20.30 -12.49
CA ASP D 12 -11.63 -21.00 -11.34
C ASP D 12 -12.66 -21.95 -10.73
N SER D 13 -12.91 -23.05 -11.44
CA SER D 13 -14.01 -23.93 -11.05
C SER D 13 -13.75 -24.48 -9.66
N PRO D 14 -14.79 -24.64 -8.83
CA PRO D 14 -14.58 -25.09 -7.44
C PRO D 14 -14.12 -26.53 -7.40
N LEU D 15 -12.95 -26.75 -6.78
CA LEU D 15 -12.49 -28.10 -6.51
C LEU D 15 -13.25 -28.72 -5.33
N ILE D 16 -13.64 -27.89 -4.36
CA ILE D 16 -14.57 -28.27 -3.30
C ILE D 16 -15.74 -27.29 -3.32
N PRO D 17 -16.95 -27.73 -3.67
CA PRO D 17 -18.06 -26.79 -3.84
C PRO D 17 -18.51 -26.15 -2.54
N THR D 18 -19.47 -25.25 -2.66
CA THR D 18 -19.94 -24.48 -1.51
C THR D 18 -20.75 -25.34 -0.53
N SER D 19 -21.30 -26.47 -1.00
CA SER D 19 -22.19 -27.27 -0.18
C SER D 19 -21.46 -28.33 0.64
N VAL D 20 -20.14 -28.44 0.50
CA VAL D 20 -19.41 -29.54 1.11
C VAL D 20 -19.26 -29.28 2.61
N GLY D 21 -18.43 -28.31 2.97
CA GLY D 21 -18.21 -27.99 4.38
C GLY D 21 -19.15 -26.92 4.87
N SER D 22 -20.46 -27.14 4.71
CA SER D 22 -21.43 -26.06 4.80
C SER D 22 -22.02 -25.90 6.20
N TYR D 23 -21.43 -26.51 7.23
CA TYR D 23 -22.03 -26.57 8.55
C TYR D 23 -21.13 -25.92 9.58
N PHE D 24 -21.73 -25.10 10.47
CA PHE D 24 -20.94 -24.47 11.52
C PHE D 24 -20.75 -25.44 12.67
N ARG D 25 -19.72 -25.19 13.48
CA ARG D 25 -19.49 -26.17 14.53
C ARG D 25 -20.50 -26.08 15.66
N ASP D 26 -21.45 -25.14 15.64
CA ASP D 26 -22.50 -25.14 16.65
C ASP D 26 -23.89 -25.29 16.04
N ASP D 27 -23.97 -25.85 14.83
CA ASP D 27 -25.23 -26.33 14.28
C ASP D 27 -25.65 -27.61 14.99
N ASP D 28 -26.97 -27.74 15.23
CA ASP D 28 -27.64 -28.96 15.70
C ASP D 28 -27.32 -29.33 17.16
N ASP D 29 -26.16 -28.89 17.66
CA ASP D 29 -25.66 -29.09 19.03
C ASP D 29 -24.96 -30.45 19.25
#